data_7LZ2
#
_entry.id   7LZ2
#
_cell.length_a   74.581
_cell.length_b   74.581
_cell.length_c   508.887
_cell.angle_alpha   90.000
_cell.angle_beta   90.000
_cell.angle_gamma   120.000
#
_symmetry.space_group_name_H-M   'P 65 2 2'
#
loop_
_entity.id
_entity.type
_entity.pdbx_description
1 polymer 'Glutamate receptor 3.4'
2 non-polymer METHIONINE
3 non-polymer 'SODIUM ION'
4 non-polymer 'SULFATE ION'
5 non-polymer GLYCEROL
6 non-polymer BETA-MERCAPTOETHANOL
7 non-polymer 'CHLORIDE ION'
8 water water
#
_entity_poly.entity_id   1
_entity_poly.type   'polypeptide(L)'
_entity_poly.pdbx_seq_one_letter_code
;MHHHHHHHHSSGLVPRGSAMGSKPLRIGVPNRVSYTDYVSKDKNPPGVRGYCIDVFEAAIELLPYPVPRTYILYGDGKRN
PSYDNLVNEVVADNFDVAVGDITIVTNRTRYVDFTQPFIESGLVVVAPVKEAGTIEGIDSLVTSNEPIGVQDGTFARNYL
INELNILPSRIVPLKDEEQYLSALQRGPNAGGVAAIVDELPYIEVLLTNSNCKFRTVGQEFTRTGWGFAFQRDSPLAVDM
STAILQLSEEGELEKIHRKWLNYKHECS
;
_entity_poly.pdbx_strand_id   A,B,C
#
loop_
_chem_comp.id
_chem_comp.type
_chem_comp.name
_chem_comp.formula
BME non-polymer BETA-MERCAPTOETHANOL 'C2 H6 O S'
CL non-polymer 'CHLORIDE ION' 'Cl -1'
GOL non-polymer GLYCEROL 'C3 H8 O3'
NA non-polymer 'SODIUM ION' 'Na 1'
SO4 non-polymer 'SULFATE ION' 'O4 S -2'
#
# COMPACT_ATOMS: atom_id res chain seq x y z
N GLY A 17 3.27 -17.26 -47.07
CA GLY A 17 3.78 -17.41 -45.65
C GLY A 17 2.97 -16.62 -44.63
N SER A 18 3.23 -16.82 -43.34
CA SER A 18 2.48 -16.13 -42.25
C SER A 18 2.85 -14.63 -42.26
N ALA A 19 1.84 -13.80 -42.11
CA ALA A 19 2.00 -12.33 -42.25
C ALA A 19 2.50 -11.72 -40.93
N MET A 20 2.06 -12.21 -39.77
CA MET A 20 2.34 -11.48 -38.51
C MET A 20 3.79 -11.72 -38.11
N GLY A 21 4.60 -10.64 -37.96
CA GLY A 21 6.00 -10.73 -37.58
C GLY A 21 6.13 -10.86 -36.05
N SER A 22 7.38 -10.93 -35.63
CA SER A 22 7.74 -11.07 -34.20
C SER A 22 7.89 -9.68 -33.59
N LYS A 23 7.60 -9.60 -32.31
CA LYS A 23 7.75 -8.37 -31.52
C LYS A 23 9.24 -8.18 -31.26
N PRO A 24 9.78 -6.96 -31.42
CA PRO A 24 11.18 -6.68 -31.11
C PRO A 24 11.39 -6.67 -29.59
N LEU A 25 12.65 -6.82 -29.24
CA LEU A 25 13.09 -6.74 -27.82
C LEU A 25 12.83 -5.32 -27.34
N ARG A 26 12.10 -5.19 -26.23
CA ARG A 26 11.76 -3.89 -25.65
C ARG A 26 12.83 -3.56 -24.58
N ILE A 27 13.72 -2.63 -24.91
CA ILE A 27 14.88 -2.32 -24.04
C ILE A 27 14.52 -1.06 -23.23
N GLY A 28 14.37 -1.14 -21.91
CA GLY A 28 14.16 0.01 -21.04
C GLY A 28 15.49 0.64 -20.61
N VAL A 29 15.65 1.95 -20.83
CA VAL A 29 16.95 2.66 -20.61
C VAL A 29 16.71 3.82 -19.67
N PRO A 30 17.42 3.92 -18.53
CA PRO A 30 17.21 5.04 -17.62
C PRO A 30 17.64 6.37 -18.25
N ASN A 31 16.73 7.35 -18.12
CA ASN A 31 16.91 8.70 -18.69
C ASN A 31 17.75 9.52 -17.71
N ARG A 32 19.05 9.29 -17.68
CA ARG A 32 19.97 9.87 -16.68
C ARG A 32 20.03 11.38 -16.91
N VAL A 33 20.08 12.13 -15.81
CA VAL A 33 20.33 13.60 -15.89
C VAL A 33 21.75 13.94 -15.45
N SER A 34 22.39 13.06 -14.70
CA SER A 34 23.76 13.25 -14.22
C SER A 34 24.60 12.10 -14.76
N TYR A 35 25.91 12.24 -14.86
CA TYR A 35 26.87 11.17 -15.24
C TYR A 35 26.39 10.56 -16.55
N THR A 36 26.13 11.41 -17.54
CA THR A 36 25.45 10.96 -18.77
C THR A 36 26.40 10.25 -19.72
N ASP A 37 27.69 10.18 -19.45
CA ASP A 37 28.57 9.35 -20.29
C ASP A 37 28.31 7.85 -20.06
N TYR A 38 27.71 7.46 -18.94
CA TYR A 38 27.42 6.03 -18.75
C TYR A 38 26.21 5.62 -19.59
N VAL A 39 25.15 6.39 -19.58
CA VAL A 39 23.96 6.14 -20.42
C VAL A 39 23.11 7.37 -20.40
N SER A 40 22.51 7.73 -21.54
CA SER A 40 21.60 8.89 -21.58
C SER A 40 20.84 8.90 -22.91
N LYS A 41 19.88 9.81 -23.00
CA LYS A 41 19.16 10.08 -24.25
C LYS A 41 20.11 10.63 -25.33
N ASP A 42 19.72 10.48 -26.59
CA ASP A 42 20.46 10.96 -27.77
C ASP A 42 19.39 11.51 -28.70
N LYS A 43 19.58 12.70 -29.25
CA LYS A 43 18.56 13.34 -30.11
C LYS A 43 18.46 12.56 -31.43
N ASN A 44 19.48 11.80 -31.78
CA ASN A 44 19.58 10.95 -33.00
C ASN A 44 19.25 9.48 -32.69
N PRO A 45 18.75 8.69 -33.66
CA PRO A 45 18.60 7.25 -33.45
C PRO A 45 19.92 6.59 -33.04
N PRO A 46 19.92 5.54 -32.17
CA PRO A 46 18.68 4.91 -31.72
C PRO A 46 17.98 5.60 -30.54
N GLY A 47 18.32 6.86 -30.23
CA GLY A 47 17.62 7.65 -29.23
C GLY A 47 18.25 7.53 -27.85
N VAL A 48 19.28 6.69 -27.76
CA VAL A 48 20.09 6.52 -26.52
C VAL A 48 21.55 6.43 -26.88
N ARG A 49 22.45 6.69 -25.94
CA ARG A 49 23.90 6.58 -26.17
C ARG A 49 24.64 6.37 -24.85
N GLY A 50 25.91 6.10 -24.93
CA GLY A 50 26.79 6.05 -23.77
C GLY A 50 27.45 4.71 -23.60
N TYR A 51 28.35 4.64 -22.65
CA TYR A 51 29.15 3.45 -22.36
C TYR A 51 28.26 2.20 -22.35
N CYS A 52 27.19 2.18 -21.59
CA CYS A 52 26.44 0.94 -21.35
C CYS A 52 25.74 0.54 -22.66
N ILE A 53 25.35 1.50 -23.50
CA ILE A 53 24.69 1.20 -24.78
C ILE A 53 25.70 0.56 -25.72
N ASP A 54 26.91 1.12 -25.79
CA ASP A 54 27.94 0.57 -26.69
C ASP A 54 28.31 -0.85 -26.24
N VAL A 55 28.39 -1.11 -24.94
CA VAL A 55 28.63 -2.50 -24.45
C VAL A 55 27.47 -3.38 -24.88
N PHE A 56 26.22 -2.97 -24.64
CA PHE A 56 25.07 -3.82 -24.99
C PHE A 56 25.10 -4.15 -26.50
N GLU A 57 25.33 -3.16 -27.35
CA GLU A 57 25.33 -3.32 -28.82
C GLU A 57 26.47 -4.25 -29.24
N ALA A 58 27.64 -4.10 -28.65
CA ALA A 58 28.79 -4.95 -28.98
C ALA A 58 28.49 -6.38 -28.59
N ALA A 59 27.78 -6.57 -27.46
CA ALA A 59 27.41 -7.92 -27.02
C ALA A 59 26.31 -8.51 -27.91
N ILE A 60 25.33 -7.75 -28.29
CA ILE A 60 24.28 -8.23 -29.25
C ILE A 60 24.96 -8.66 -30.54
N GLU A 61 25.98 -7.95 -30.99
CA GLU A 61 26.58 -8.28 -32.31
C GLU A 61 27.21 -9.67 -32.23
N LEU A 62 27.63 -10.13 -31.04
CA LEU A 62 28.29 -11.43 -30.89
C LEU A 62 27.34 -12.59 -30.77
N LEU A 63 26.05 -12.36 -30.63
CA LEU A 63 25.10 -13.48 -30.44
C LEU A 63 24.99 -14.18 -31.78
N PRO A 64 24.69 -15.50 -31.72
CA PRO A 64 24.59 -16.25 -32.96
C PRO A 64 23.21 -16.20 -33.63
N TYR A 65 22.45 -15.11 -33.43
CA TYR A 65 21.13 -14.88 -34.09
C TYR A 65 20.88 -13.39 -34.10
N PRO A 66 20.03 -12.88 -34.99
CA PRO A 66 19.63 -11.47 -34.92
C PRO A 66 18.73 -11.22 -33.72
N VAL A 67 18.75 -9.99 -33.24
CA VAL A 67 17.87 -9.54 -32.12
C VAL A 67 17.24 -8.21 -32.49
N PRO A 68 16.15 -8.21 -33.30
CA PRO A 68 15.42 -6.99 -33.53
C PRO A 68 15.06 -6.36 -32.19
N ARG A 69 15.25 -5.04 -32.11
CA ARG A 69 15.19 -4.40 -30.78
C ARG A 69 14.90 -2.91 -30.94
N THR A 70 14.43 -2.32 -29.86
CA THR A 70 14.22 -0.89 -29.78
C THR A 70 14.48 -0.39 -28.34
N TYR A 71 14.96 0.83 -28.25
CA TYR A 71 15.33 1.43 -26.95
C TYR A 71 14.22 2.39 -26.55
N ILE A 72 13.75 2.23 -25.33
CA ILE A 72 12.67 3.02 -24.74
C ILE A 72 13.19 3.72 -23.49
N LEU A 73 13.20 5.06 -23.50
CA LEU A 73 13.63 5.82 -22.30
C LEU A 73 12.65 5.65 -21.18
N TYR A 74 13.19 5.61 -19.96
CA TYR A 74 12.45 5.52 -18.69
C TYR A 74 12.87 6.65 -17.77
N GLY A 75 11.91 7.50 -17.39
CA GLY A 75 12.13 8.71 -16.56
C GLY A 75 11.72 9.99 -17.28
N ASP A 76 11.38 11.01 -16.48
CA ASP A 76 10.86 12.33 -16.94
C ASP A 76 11.98 13.23 -17.46
N GLY A 77 13.25 12.89 -17.23
CA GLY A 77 14.40 13.67 -17.72
C GLY A 77 14.61 14.93 -16.88
N LYS A 78 13.96 15.00 -15.74
CA LYS A 78 14.17 16.09 -14.75
C LYS A 78 15.08 15.59 -13.62
N ARG A 79 14.83 14.38 -13.11
CA ARG A 79 15.67 13.70 -12.09
C ARG A 79 15.97 12.29 -12.59
N ASN A 80 17.08 11.71 -12.17
CA ASN A 80 17.36 10.29 -12.45
C ASN A 80 16.14 9.49 -12.01
N PRO A 81 15.71 8.48 -12.80
CA PRO A 81 14.57 7.67 -12.38
C PRO A 81 14.93 6.67 -11.26
N SER A 82 13.92 6.10 -10.62
CA SER A 82 14.08 4.97 -9.67
C SER A 82 14.58 3.77 -10.46
N TYR A 83 15.77 3.26 -10.22
CA TYR A 83 16.26 2.04 -10.88
C TYR A 83 15.53 0.80 -10.36
N ASP A 84 15.12 0.76 -9.10
CA ASP A 84 14.27 -0.36 -8.64
C ASP A 84 12.98 -0.40 -9.48
N ASN A 85 12.37 0.75 -9.73
CA ASN A 85 11.11 0.80 -10.50
C ASN A 85 11.40 0.47 -11.95
N LEU A 86 12.55 0.86 -12.53
CA LEU A 86 12.89 0.45 -13.92
C LEU A 86 13.00 -1.08 -13.97
N VAL A 87 13.67 -1.71 -13.03
CA VAL A 87 13.81 -3.18 -12.99
C VAL A 87 12.41 -3.79 -12.82
N ASN A 88 11.56 -3.19 -12.02
CA ASN A 88 10.22 -3.80 -11.82
C ASN A 88 9.40 -3.66 -13.10
N GLU A 89 9.74 -2.78 -14.02
CA GLU A 89 9.05 -2.69 -15.32
C GLU A 89 9.41 -3.90 -16.18
N VAL A 90 10.59 -4.46 -16.03
CA VAL A 90 11.02 -5.74 -16.68
C VAL A 90 10.23 -6.87 -16.04
N VAL A 91 10.17 -6.92 -14.71
CA VAL A 91 9.44 -7.97 -13.95
C VAL A 91 7.97 -7.98 -14.42
N ALA A 92 7.40 -6.82 -14.58
CA ALA A 92 5.95 -6.64 -14.94
C ALA A 92 5.75 -6.80 -16.45
N ASP A 93 6.77 -7.13 -17.22
CA ASP A 93 6.64 -7.44 -18.66
C ASP A 93 6.24 -6.19 -19.44
N ASN A 94 6.57 -4.97 -19.00
CA ASN A 94 6.47 -3.73 -19.83
C ASN A 94 7.74 -3.57 -20.68
N PHE A 95 8.87 -4.06 -20.21
CA PHE A 95 10.14 -4.14 -20.96
C PHE A 95 10.59 -5.58 -20.91
N ASP A 96 11.41 -5.95 -21.84
CA ASP A 96 12.06 -7.29 -21.86
C ASP A 96 13.39 -7.27 -21.12
N VAL A 97 14.03 -6.08 -21.04
CA VAL A 97 15.37 -5.98 -20.44
C VAL A 97 15.56 -4.53 -20.07
N ALA A 98 16.29 -4.33 -18.97
CA ALA A 98 16.79 -3.01 -18.57
C ALA A 98 18.26 -2.91 -18.90
N VAL A 99 18.61 -1.89 -19.68
CA VAL A 99 19.99 -1.70 -20.18
C VAL A 99 20.47 -0.33 -19.73
N GLY A 100 21.61 -0.30 -19.07
CA GLY A 100 22.21 0.90 -18.50
C GLY A 100 23.15 0.50 -17.37
N ASP A 101 23.32 1.43 -16.49
CA ASP A 101 24.19 1.32 -15.31
C ASP A 101 23.39 0.66 -14.18
N ILE A 102 22.97 -0.60 -14.40
CA ILE A 102 21.98 -1.24 -13.49
C ILE A 102 22.76 -2.08 -12.47
N THR A 103 22.77 -1.64 -11.22
CA THR A 103 23.51 -2.39 -10.19
C THR A 103 22.82 -3.69 -9.84
N ILE A 104 23.62 -4.74 -9.71
CA ILE A 104 23.16 -6.09 -9.36
C ILE A 104 22.95 -6.17 -7.86
N VAL A 105 21.77 -5.75 -7.43
CA VAL A 105 21.36 -5.62 -6.02
C VAL A 105 20.56 -6.88 -5.60
N THR A 106 20.76 -7.33 -4.38
CA THR A 106 20.13 -8.53 -3.82
C THR A 106 18.65 -8.60 -4.20
N ASN A 107 17.79 -7.61 -3.88
CA ASN A 107 16.34 -7.76 -4.08
C ASN A 107 16.04 -7.88 -5.56
N ARG A 108 16.80 -7.22 -6.43
CA ARG A 108 16.53 -7.26 -7.87
C ARG A 108 16.83 -8.67 -8.43
N THR A 109 17.82 -9.37 -7.89
CA THR A 109 18.19 -10.71 -8.38
C THR A 109 17.09 -11.73 -8.03
N ARG A 110 16.18 -11.42 -7.10
CA ARG A 110 15.04 -12.34 -6.80
C ARG A 110 14.08 -12.41 -7.97
N TYR A 111 14.01 -11.40 -8.83
CA TYR A 111 12.94 -11.29 -9.86
C TYR A 111 13.46 -11.16 -11.30
N VAL A 112 14.69 -10.71 -11.56
CA VAL A 112 15.20 -10.68 -12.95
C VAL A 112 16.42 -11.58 -13.08
N ASP A 113 16.84 -11.85 -14.33
CA ASP A 113 18.05 -12.62 -14.64
C ASP A 113 19.07 -11.61 -15.14
N PHE A 114 19.98 -11.16 -14.27
CA PHE A 114 21.13 -10.34 -14.68
C PHE A 114 22.11 -11.19 -15.45
N THR A 115 22.73 -10.56 -16.41
CA THR A 115 24.00 -11.06 -16.94
C THR A 115 25.06 -11.09 -15.87
N GLN A 116 26.13 -11.82 -16.14
CA GLN A 116 27.41 -11.57 -15.51
C GLN A 116 27.72 -10.08 -15.66
N PRO A 117 28.37 -9.48 -14.65
CA PRO A 117 28.64 -8.05 -14.69
C PRO A 117 29.55 -7.64 -15.83
N PHE A 118 29.26 -6.50 -16.44
CA PHE A 118 30.16 -5.95 -17.50
C PHE A 118 31.15 -4.94 -16.88
N ILE A 119 30.90 -4.47 -15.66
CA ILE A 119 31.84 -3.57 -14.94
C ILE A 119 31.65 -3.74 -13.45
N GLU A 120 32.74 -3.65 -12.71
CA GLU A 120 32.72 -3.77 -11.25
C GLU A 120 32.27 -2.45 -10.67
N SER A 121 31.61 -2.56 -9.56
CA SER A 121 31.12 -1.39 -8.81
C SER A 121 31.17 -1.68 -7.30
N GLY A 122 30.85 -0.65 -6.56
CA GLY A 122 30.86 -0.70 -5.09
C GLY A 122 30.62 0.68 -4.57
N LEU A 123 30.17 0.75 -3.32
CA LEU A 123 29.96 2.07 -2.69
C LEU A 123 31.23 2.61 -2.06
N VAL A 124 31.37 3.93 -2.12
CA VAL A 124 32.45 4.69 -1.45
C VAL A 124 31.88 5.90 -0.78
N VAL A 125 32.70 6.45 0.12
CA VAL A 125 32.40 7.71 0.82
C VAL A 125 33.28 8.80 0.27
N VAL A 126 32.67 9.92 -0.09
CA VAL A 126 33.37 11.10 -0.61
C VAL A 126 33.14 12.25 0.37
N ALA A 127 34.22 12.94 0.76
CA ALA A 127 34.16 14.09 1.68
C ALA A 127 35.19 15.12 1.24
N PRO A 128 35.05 16.36 1.72
CA PRO A 128 36.15 17.32 1.53
C PRO A 128 37.46 16.82 2.19
N VAL A 129 38.57 17.12 1.49
CA VAL A 129 39.94 16.88 2.02
C VAL A 129 40.03 17.43 3.47
N LYS A 130 39.46 18.58 3.73
CA LYS A 130 39.62 19.24 5.05
C LYS A 130 38.80 18.51 6.11
N GLU A 131 37.78 17.72 5.70
CA GLU A 131 36.93 17.00 6.68
C GLU A 131 37.46 15.57 6.96
N ALA A 132 38.54 15.09 6.34
CA ALA A 132 38.96 13.67 6.43
C ALA A 132 39.57 13.34 7.79
N GLY A 133 39.70 14.32 8.68
CA GLY A 133 40.04 14.06 10.10
C GLY A 133 38.85 13.55 10.94
N THR A 134 37.63 13.91 10.55
CA THR A 134 36.44 13.47 11.32
C THR A 134 35.63 12.46 10.50
N ILE A 135 35.67 12.53 9.17
CA ILE A 135 34.92 11.56 8.30
C ILE A 135 36.00 10.74 7.61
N GLU A 136 36.27 9.55 8.03
CA GLU A 136 37.42 8.82 7.43
C GLU A 136 36.95 7.53 6.76
N GLY A 137 35.64 7.34 6.66
CA GLY A 137 35.12 6.10 6.10
C GLY A 137 33.67 5.90 6.51
N ILE A 138 33.10 4.76 6.12
CA ILE A 138 31.63 4.58 6.34
C ILE A 138 31.35 4.50 7.86
N ASP A 139 32.19 3.84 8.64
CA ASP A 139 31.91 3.69 10.11
C ASP A 139 31.82 5.05 10.78
N SER A 140 32.81 5.93 10.57
CA SER A 140 32.81 7.29 11.17
C SER A 140 31.65 8.13 10.60
N LEU A 141 31.34 7.96 9.33
CA LEU A 141 30.20 8.64 8.77
C LEU A 141 28.91 8.20 9.49
N VAL A 142 28.75 6.91 9.70
CA VAL A 142 27.56 6.37 10.40
C VAL A 142 27.46 7.07 11.76
N THR A 143 28.54 7.03 12.56
CA THR A 143 28.44 7.45 13.98
C THR A 143 28.43 8.97 14.07
N SER A 144 28.75 9.68 13.00
CA SER A 144 28.74 11.18 12.95
C SER A 144 27.35 11.73 13.17
N ASN A 145 26.32 10.97 12.81
CA ASN A 145 24.90 11.43 12.83
C ASN A 145 24.65 12.61 11.91
N GLU A 146 25.53 12.90 10.96
CA GLU A 146 25.37 14.06 10.06
C GLU A 146 24.65 13.61 8.75
N PRO A 147 24.22 14.58 7.95
CA PRO A 147 23.52 14.29 6.67
C PRO A 147 24.48 13.71 5.62
N ILE A 148 23.92 12.81 4.81
CA ILE A 148 24.60 11.98 3.78
C ILE A 148 23.89 12.27 2.46
N GLY A 149 24.60 12.71 1.44
CA GLY A 149 24.05 12.95 0.11
C GLY A 149 24.08 11.67 -0.68
N VAL A 150 23.08 11.47 -1.51
CA VAL A 150 22.98 10.34 -2.49
C VAL A 150 22.38 10.90 -3.76
N GLN A 151 22.58 10.17 -4.86
CA GLN A 151 21.81 10.45 -6.09
C GLN A 151 20.32 10.19 -5.88
N ASP A 152 19.54 10.86 -6.70
CA ASP A 152 18.13 10.45 -6.98
C ASP A 152 18.14 9.05 -7.63
N GLY A 153 17.22 8.18 -7.21
CA GLY A 153 16.93 6.93 -7.98
C GLY A 153 17.80 5.72 -7.64
N THR A 154 18.84 5.88 -6.81
CA THR A 154 19.82 4.81 -6.55
C THR A 154 19.32 3.82 -5.51
N PHE A 155 19.80 2.57 -5.63
CA PHE A 155 19.69 1.54 -4.59
C PHE A 155 20.33 1.96 -3.26
N ALA A 156 21.25 2.93 -3.33
CA ALA A 156 22.11 3.24 -2.18
C ALA A 156 21.32 3.80 -1.02
N ARG A 157 20.20 4.48 -1.28
CA ARG A 157 19.39 5.04 -0.17
C ARG A 157 18.93 3.88 0.72
N ASN A 158 18.22 2.87 0.19
CA ASN A 158 17.71 1.78 1.03
C ASN A 158 18.84 0.94 1.58
N TYR A 159 19.95 0.86 0.83
CA TYR A 159 21.13 0.13 1.30
C TYR A 159 21.65 0.74 2.59
N LEU A 160 21.76 2.06 2.59
CA LEU A 160 22.29 2.77 3.80
C LEU A 160 21.32 2.57 4.97
N ILE A 161 20.02 2.67 4.69
CA ILE A 161 18.99 2.51 5.76
C ILE A 161 19.07 1.10 6.31
N ASN A 162 18.99 0.11 5.44
CA ASN A 162 18.80 -1.30 5.89
C ASN A 162 20.08 -2.01 6.25
N GLU A 163 21.20 -1.69 5.62
CA GLU A 163 22.46 -2.42 5.87
C GLU A 163 23.39 -1.60 6.76
N LEU A 164 23.29 -0.28 6.77
CA LEU A 164 24.27 0.52 7.57
C LEU A 164 23.56 1.23 8.74
N ASN A 165 22.26 1.04 8.92
CA ASN A 165 21.55 1.58 10.11
C ASN A 165 21.47 3.11 10.06
N ILE A 166 21.31 3.67 8.90
CA ILE A 166 21.23 5.15 8.78
C ILE A 166 19.77 5.54 8.95
N LEU A 167 19.51 6.43 9.90
CA LEU A 167 18.20 7.05 10.07
C LEU A 167 17.78 7.70 8.78
N PRO A 168 16.56 7.39 8.24
CA PRO A 168 16.20 7.89 6.92
C PRO A 168 16.27 9.40 6.69
N SER A 169 15.98 10.20 7.72
CA SER A 169 15.98 11.68 7.62
C SER A 169 17.39 12.20 7.37
N ARG A 170 18.41 11.39 7.64
CA ARG A 170 19.80 11.83 7.34
C ARG A 170 20.10 11.82 5.85
N ILE A 171 19.33 11.09 5.04
CA ILE A 171 19.71 10.87 3.63
C ILE A 171 19.13 11.98 2.80
N VAL A 172 19.99 12.66 2.04
CA VAL A 172 19.60 13.84 1.25
C VAL A 172 19.80 13.55 -0.23
N PRO A 173 18.73 13.36 -1.03
CA PRO A 173 18.86 13.14 -2.46
C PRO A 173 19.26 14.45 -3.13
N LEU A 174 20.17 14.35 -4.08
CA LEU A 174 20.73 15.49 -4.81
C LEU A 174 20.61 15.25 -6.31
N LYS A 175 20.46 16.31 -7.12
CA LYS A 175 19.98 16.19 -8.53
C LYS A 175 21.06 15.87 -9.55
N ASP A 176 22.24 16.47 -9.41
CA ASP A 176 23.25 16.53 -10.47
C ASP A 176 24.56 16.98 -9.87
N GLU A 177 25.61 16.98 -10.67
CA GLU A 177 26.97 17.24 -10.16
C GLU A 177 26.98 18.60 -9.46
N GLU A 178 26.33 19.61 -10.05
CA GLU A 178 26.34 20.99 -9.45
C GLU A 178 25.84 20.87 -7.99
N GLN A 179 24.80 20.10 -7.73
CA GLN A 179 24.23 19.92 -6.39
C GLN A 179 25.09 18.96 -5.53
N TYR A 180 25.72 17.93 -6.09
CA TYR A 180 26.63 17.06 -5.31
C TYR A 180 27.74 17.97 -4.73
N LEU A 181 28.35 18.77 -5.60
CA LEU A 181 29.50 19.65 -5.22
C LEU A 181 29.03 20.74 -4.26
N SER A 182 27.91 21.38 -4.51
CA SER A 182 27.45 22.45 -3.57
C SER A 182 27.12 21.84 -2.19
N ALA A 183 26.54 20.64 -2.12
CA ALA A 183 26.20 20.03 -0.82
C ALA A 183 27.45 19.71 -0.03
N LEU A 184 28.51 19.28 -0.68
CA LEU A 184 29.77 18.93 0.00
C LEU A 184 30.45 20.23 0.46
N GLN A 185 30.29 21.28 -0.33
CA GLN A 185 30.93 22.59 -0.07
C GLN A 185 30.29 23.24 1.14
N ARG A 186 28.97 23.31 1.19
CA ARG A 186 28.21 23.88 2.34
C ARG A 186 28.57 23.09 3.60
N GLY A 187 28.62 21.77 3.47
CA GLY A 187 28.91 20.86 4.59
C GLY A 187 27.72 20.70 5.53
N PRO A 188 27.91 19.86 6.57
CA PRO A 188 26.82 19.38 7.43
C PRO A 188 26.18 20.43 8.36
N ASN A 189 26.87 21.53 8.63
CA ASN A 189 26.35 22.62 9.52
C ASN A 189 25.77 23.79 8.73
N ALA A 190 25.84 23.83 7.41
CA ALA A 190 25.26 24.96 6.64
C ALA A 190 24.35 24.47 5.53
N GLY A 191 23.52 23.45 5.82
CA GLY A 191 22.46 22.98 4.91
C GLY A 191 22.99 22.08 3.80
N GLY A 192 24.17 21.50 3.99
CA GLY A 192 24.75 20.54 3.04
C GLY A 192 24.88 19.17 3.67
N VAL A 193 25.91 18.42 3.31
CA VAL A 193 26.12 17.05 3.81
C VAL A 193 27.54 16.88 4.33
N ALA A 194 27.73 15.92 5.18
CA ALA A 194 29.09 15.53 5.62
C ALA A 194 29.81 14.77 4.51
N ALA A 195 29.09 13.99 3.71
CA ALA A 195 29.71 13.12 2.72
C ALA A 195 28.63 12.77 1.71
N ILE A 196 29.10 12.38 0.56
CA ILE A 196 28.28 11.66 -0.44
C ILE A 196 28.62 10.18 -0.37
N VAL A 197 27.60 9.32 -0.40
CA VAL A 197 27.82 7.87 -0.59
C VAL A 197 27.29 7.58 -1.99
N ASP A 198 28.14 7.01 -2.83
CA ASP A 198 27.76 6.69 -4.21
C ASP A 198 28.69 5.61 -4.75
N GLU A 199 28.35 5.02 -5.90
CA GLU A 199 29.20 3.96 -6.48
C GLU A 199 30.43 4.58 -7.11
N LEU A 200 31.53 3.84 -7.02
CA LEU A 200 32.87 4.33 -7.50
C LEU A 200 32.83 4.81 -8.94
N PRO A 201 32.11 4.19 -9.92
CA PRO A 201 32.18 4.71 -11.29
C PRO A 201 31.73 6.17 -11.38
N TYR A 202 30.69 6.55 -10.64
CA TYR A 202 30.18 7.93 -10.65
C TYR A 202 31.21 8.84 -9.99
N ILE A 203 31.73 8.41 -8.84
CA ILE A 203 32.65 9.28 -8.06
C ILE A 203 33.92 9.49 -8.89
N GLU A 204 34.36 8.52 -9.66
CA GLU A 204 35.54 8.78 -10.56
C GLU A 204 35.26 10.00 -11.44
N VAL A 205 34.07 10.10 -12.03
CA VAL A 205 33.69 11.29 -12.83
C VAL A 205 33.61 12.54 -11.95
N LEU A 206 32.95 12.47 -10.80
CA LEU A 206 32.83 13.64 -9.90
C LEU A 206 34.25 14.15 -9.55
N LEU A 207 35.20 13.28 -9.26
CA LEU A 207 36.53 13.77 -8.78
C LEU A 207 37.27 14.33 -9.98
N THR A 208 36.95 13.85 -11.18
CA THR A 208 37.55 14.42 -12.42
C THR A 208 37.13 15.89 -12.49
N ASN A 209 35.93 16.22 -12.01
CA ASN A 209 35.28 17.53 -12.31
C ASN A 209 35.30 18.49 -11.12
N SER A 210 35.97 18.23 -9.99
CA SER A 210 35.84 19.02 -8.72
C SER A 210 37.18 19.53 -8.13
N ASN A 211 38.25 19.56 -8.92
CA ASN A 211 39.38 20.48 -8.59
C ASN A 211 40.08 20.11 -7.27
N CYS A 212 40.16 18.81 -6.93
CA CYS A 212 40.94 18.21 -5.82
C CYS A 212 40.46 18.71 -4.44
N LYS A 213 39.26 19.26 -4.26
CA LYS A 213 38.76 19.67 -2.91
C LYS A 213 38.14 18.48 -2.18
N PHE A 214 37.75 17.44 -2.94
CA PHE A 214 37.03 16.26 -2.39
C PHE A 214 37.87 15.03 -2.64
N ARG A 215 37.62 13.97 -1.90
CA ARG A 215 38.36 12.70 -2.03
C ARG A 215 37.51 11.55 -1.55
N THR A 216 37.83 10.34 -1.96
CA THR A 216 37.29 9.18 -1.25
C THR A 216 38.02 9.06 0.08
N VAL A 217 37.29 8.60 1.07
CA VAL A 217 37.82 8.30 2.43
C VAL A 217 37.45 6.87 2.78
N GLY A 218 38.45 6.07 3.17
CA GLY A 218 38.23 4.70 3.64
C GLY A 218 38.10 3.73 2.51
N GLN A 219 37.72 2.53 2.85
CA GLN A 219 37.60 1.40 1.91
C GLN A 219 36.35 1.60 1.06
N GLU A 220 36.41 1.12 -0.18
CA GLU A 220 35.21 0.76 -0.95
C GLU A 220 34.48 -0.26 -0.09
N PHE A 221 33.32 0.06 0.44
CA PHE A 221 32.79 -0.71 1.58
C PHE A 221 31.73 -1.68 1.07
N THR A 222 31.46 -1.69 -0.22
CA THR A 222 30.65 -2.81 -0.83
C THR A 222 31.31 -3.25 -2.14
N ARG A 223 30.90 -4.44 -2.61
CA ARG A 223 31.37 -4.93 -3.93
C ARG A 223 30.24 -5.51 -4.72
N THR A 224 30.05 -4.97 -5.92
CA THR A 224 28.96 -5.36 -6.79
C THR A 224 29.45 -5.17 -8.23
N GLY A 225 28.50 -5.07 -9.12
CA GLY A 225 28.75 -4.76 -10.53
C GLY A 225 27.47 -4.24 -11.16
N TRP A 226 27.62 -3.85 -12.40
CA TRP A 226 26.48 -3.51 -13.28
C TRP A 226 26.25 -4.67 -14.25
N GLY A 227 24.99 -4.95 -14.54
CA GLY A 227 24.60 -5.99 -15.49
C GLY A 227 23.39 -5.58 -16.27
N PHE A 228 23.09 -6.31 -17.34
CA PHE A 228 21.80 -6.12 -18.04
C PHE A 228 20.75 -7.02 -17.40
N ALA A 229 19.57 -6.48 -17.15
CA ALA A 229 18.57 -7.21 -16.36
C ALA A 229 17.51 -7.76 -17.30
N PHE A 230 17.54 -9.04 -17.63
CA PHE A 230 16.53 -9.69 -18.46
C PHE A 230 15.45 -10.27 -17.57
N GLN A 231 14.35 -10.74 -18.20
CA GLN A 231 13.31 -11.49 -17.47
C GLN A 231 13.83 -12.86 -17.03
N ARG A 232 13.24 -13.35 -15.93
CA ARG A 232 13.55 -14.70 -15.41
C ARG A 232 13.52 -15.75 -16.55
N ASP A 233 14.50 -16.64 -16.53
CA ASP A 233 14.66 -17.80 -17.46
C ASP A 233 14.89 -17.33 -18.90
N SER A 234 15.34 -16.09 -19.10
CA SER A 234 15.68 -15.60 -20.47
C SER A 234 16.89 -16.30 -21.03
N PRO A 235 16.80 -16.92 -22.24
CA PRO A 235 17.99 -17.45 -22.89
C PRO A 235 18.91 -16.31 -23.32
N LEU A 236 18.40 -15.10 -23.50
CA LEU A 236 19.29 -13.98 -23.89
C LEU A 236 20.26 -13.68 -22.77
N ALA A 237 19.85 -13.74 -21.50
CA ALA A 237 20.74 -13.50 -20.37
C ALA A 237 21.95 -14.43 -20.51
N VAL A 238 21.67 -15.72 -20.77
CA VAL A 238 22.75 -16.74 -20.86
C VAL A 238 23.70 -16.30 -21.99
N ASP A 239 23.16 -16.03 -23.17
CA ASP A 239 24.03 -15.83 -24.34
C ASP A 239 24.74 -14.47 -24.21
N MET A 240 24.10 -13.46 -23.59
CA MET A 240 24.74 -12.14 -23.40
C MET A 240 25.82 -12.18 -22.32
N SER A 241 25.72 -13.05 -21.32
CA SER A 241 26.86 -13.31 -20.41
C SER A 241 28.07 -13.82 -21.17
N THR A 242 27.88 -14.80 -22.04
CA THR A 242 29.02 -15.33 -22.87
C THR A 242 29.58 -14.19 -23.71
N ALA A 243 28.73 -13.37 -24.27
CA ALA A 243 29.18 -12.26 -25.12
C ALA A 243 29.95 -11.23 -24.30
N ILE A 244 29.49 -10.90 -23.11
CA ILE A 244 30.24 -9.94 -22.26
C ILE A 244 31.64 -10.51 -21.99
N LEU A 245 31.75 -11.78 -21.65
CA LEU A 245 33.08 -12.37 -21.39
C LEU A 245 33.92 -12.33 -22.67
N GLN A 246 33.32 -12.57 -23.83
CA GLN A 246 34.10 -12.45 -25.10
C GLN A 246 34.60 -11.00 -25.24
N LEU A 247 33.75 -9.99 -25.01
CA LEU A 247 34.21 -8.58 -25.10
C LEU A 247 35.36 -8.33 -24.12
N SER A 248 35.29 -8.90 -22.94
CA SER A 248 36.28 -8.69 -21.88
C SER A 248 37.62 -9.22 -22.40
N GLU A 249 37.64 -10.44 -22.94
CA GLU A 249 38.94 -11.05 -23.40
C GLU A 249 39.44 -10.39 -24.70
N GLU A 250 38.59 -9.80 -25.50
CA GLU A 250 39.00 -9.16 -26.78
C GLU A 250 39.65 -7.80 -26.49
N GLY A 251 39.47 -7.28 -25.26
CA GLY A 251 39.90 -5.93 -24.83
C GLY A 251 38.84 -4.89 -25.16
N GLU A 252 37.65 -5.29 -25.63
CA GLU A 252 36.66 -4.34 -26.11
C GLU A 252 36.01 -3.60 -24.95
N LEU A 253 35.80 -4.25 -23.80
CA LEU A 253 35.18 -3.54 -22.67
C LEU A 253 36.10 -2.38 -22.28
N GLU A 254 37.41 -2.58 -22.32
CA GLU A 254 38.37 -1.50 -21.98
C GLU A 254 38.35 -0.43 -23.07
N LYS A 255 38.33 -0.83 -24.33
CA LYS A 255 38.31 0.12 -25.46
C LYS A 255 37.04 0.95 -25.36
N ILE A 256 35.91 0.32 -25.04
CA ILE A 256 34.64 1.10 -24.96
C ILE A 256 34.71 2.06 -23.75
N HIS A 257 35.26 1.58 -22.64
CA HIS A 257 35.45 2.41 -21.44
C HIS A 257 36.29 3.64 -21.79
N ARG A 258 37.34 3.44 -22.57
CA ARG A 258 38.29 4.55 -22.90
C ARG A 258 37.58 5.51 -23.85
N LYS A 259 36.66 5.08 -24.68
CA LYS A 259 35.90 5.97 -25.59
C LYS A 259 35.08 6.98 -24.80
N TRP A 260 34.48 6.56 -23.68
CA TRP A 260 33.42 7.35 -23.01
C TRP A 260 33.92 8.02 -21.73
N LEU A 261 34.90 7.46 -21.08
CA LEU A 261 35.29 7.89 -19.72
C LEU A 261 36.78 8.22 -19.72
N ASN A 262 37.09 9.35 -19.13
CA ASN A 262 38.48 9.75 -18.88
C ASN A 262 38.50 10.49 -17.53
N TYR A 263 39.32 9.99 -16.60
CA TYR A 263 39.34 10.51 -15.22
C TYR A 263 40.59 11.38 -14.96
N LYS A 264 41.37 11.70 -16.00
CA LYS A 264 42.54 12.61 -15.90
C LYS A 264 42.03 14.04 -15.73
N HIS A 265 42.67 14.87 -14.89
CA HIS A 265 42.30 16.30 -14.75
C HIS A 265 43.51 17.15 -14.31
N GLU A 266 43.29 18.46 -14.34
CA GLU A 266 44.34 19.50 -14.35
C GLU A 266 45.09 19.48 -13.02
N CYS A 267 44.43 19.72 -11.88
CA CYS A 267 44.99 19.35 -10.55
C CYS A 267 45.08 17.81 -10.57
N SER A 268 46.23 17.19 -10.29
CA SER A 268 46.40 15.73 -10.51
C SER A 268 45.98 14.97 -9.25
N SER B 18 -6.95 -30.62 -25.67
CA SER B 18 -6.56 -29.73 -24.55
C SER B 18 -7.05 -30.33 -23.21
N ALA B 19 -7.20 -29.50 -22.17
CA ALA B 19 -7.85 -29.86 -20.88
C ALA B 19 -9.37 -29.61 -21.03
N MET B 20 -9.75 -28.78 -22.02
CA MET B 20 -11.14 -28.37 -22.36
C MET B 20 -11.51 -27.12 -21.53
N GLY B 21 -10.82 -26.88 -20.40
CA GLY B 21 -10.99 -25.71 -19.52
C GLY B 21 -9.64 -25.11 -19.13
N SER B 22 -9.67 -23.97 -18.43
CA SER B 22 -8.51 -23.08 -18.17
C SER B 22 -7.40 -23.83 -17.42
N LYS B 23 -6.14 -23.51 -17.73
CA LYS B 23 -4.94 -23.93 -16.96
C LYS B 23 -5.15 -23.46 -15.52
N PRO B 24 -4.82 -24.27 -14.52
CA PRO B 24 -5.12 -23.90 -13.13
C PRO B 24 -4.39 -22.61 -12.77
N LEU B 25 -5.13 -21.71 -12.12
CA LEU B 25 -4.52 -20.54 -11.43
C LEU B 25 -3.45 -21.01 -10.45
N ARG B 26 -2.28 -20.36 -10.48
CA ARG B 26 -1.20 -20.64 -9.52
C ARG B 26 -1.40 -19.67 -8.35
N ILE B 27 -1.83 -20.20 -7.19
CA ILE B 27 -2.22 -19.33 -6.05
C ILE B 27 -1.08 -19.42 -5.04
N GLY B 28 -0.38 -18.30 -4.79
CA GLY B 28 0.68 -18.17 -3.80
C GLY B 28 0.10 -17.95 -2.42
N VAL B 29 0.49 -18.78 -1.47
CA VAL B 29 -0.07 -18.71 -0.09
C VAL B 29 1.11 -18.62 0.85
N PRO B 30 1.15 -17.63 1.76
CA PRO B 30 2.24 -17.52 2.72
C PRO B 30 2.27 -18.71 3.68
N ASN B 31 3.47 -19.29 3.83
CA ASN B 31 3.70 -20.47 4.70
C ASN B 31 3.95 -19.95 6.12
N ARG B 32 2.89 -19.47 6.75
CA ARG B 32 3.00 -18.79 8.05
C ARG B 32 3.55 -19.79 9.08
N VAL B 33 4.38 -19.27 9.98
CA VAL B 33 4.91 -20.04 11.11
C VAL B 33 4.13 -19.67 12.38
N SER B 34 3.65 -18.43 12.49
CA SER B 34 2.87 -17.93 13.65
C SER B 34 1.46 -17.54 13.20
N TYR B 35 0.50 -17.49 14.11
CA TYR B 35 -0.89 -17.07 13.80
C TYR B 35 -1.41 -17.88 12.61
N THR B 36 -1.21 -19.21 12.65
CA THR B 36 -1.50 -20.11 11.52
C THR B 36 -3.01 -20.30 11.29
N ASP B 37 -3.90 -19.94 12.22
CA ASP B 37 -5.33 -20.01 11.88
C ASP B 37 -5.75 -18.91 10.90
N TYR B 38 -4.91 -17.93 10.60
CA TYR B 38 -5.25 -16.99 9.48
C TYR B 38 -4.98 -17.68 8.15
N VAL B 39 -3.85 -18.33 8.05
CA VAL B 39 -3.52 -19.07 6.81
C VAL B 39 -2.25 -19.84 7.07
N SER B 40 -2.19 -21.10 6.62
CA SER B 40 -1.01 -21.96 6.80
C SER B 40 -1.12 -23.20 5.92
N LYS B 41 -0.07 -23.98 5.98
CA LYS B 41 0.06 -25.31 5.35
C LYS B 41 -0.96 -26.27 6.00
N ASP B 42 -1.45 -27.22 5.22
CA ASP B 42 -2.31 -28.36 5.66
C ASP B 42 -1.69 -29.64 5.08
N LYS B 43 -1.64 -30.73 5.83
CA LYS B 43 -1.21 -32.07 5.32
C LYS B 43 -2.22 -32.54 4.25
N ASN B 44 -3.50 -32.16 4.37
CA ASN B 44 -4.62 -32.67 3.55
C ASN B 44 -4.93 -31.71 2.40
N PRO B 45 -5.50 -32.21 1.30
CA PRO B 45 -5.94 -31.32 0.22
C PRO B 45 -6.88 -30.28 0.79
N PRO B 46 -6.83 -29.01 0.32
CA PRO B 46 -5.97 -28.63 -0.82
C PRO B 46 -4.54 -28.17 -0.50
N GLY B 47 -3.99 -28.49 0.68
CA GLY B 47 -2.57 -28.24 1.01
C GLY B 47 -2.38 -26.98 1.83
N VAL B 48 -3.47 -26.23 1.99
CA VAL B 48 -3.52 -24.96 2.79
C VAL B 48 -4.84 -24.92 3.56
N ARG B 49 -4.87 -24.14 4.65
CA ARG B 49 -6.06 -24.00 5.49
C ARG B 49 -6.02 -22.63 6.18
N GLY B 50 -7.14 -22.28 6.77
CA GLY B 50 -7.22 -21.11 7.66
C GLY B 50 -8.34 -20.21 7.24
N TYR B 51 -8.58 -19.18 8.06
CA TYR B 51 -9.62 -18.17 7.81
C TYR B 51 -9.58 -17.65 6.37
N CYS B 52 -8.41 -17.18 5.94
CA CYS B 52 -8.28 -16.52 4.63
C CYS B 52 -8.56 -17.52 3.49
N ILE B 53 -8.23 -18.80 3.68
CA ILE B 53 -8.50 -19.85 2.65
C ILE B 53 -10.00 -20.07 2.60
N ASP B 54 -10.64 -20.14 3.77
CA ASP B 54 -12.10 -20.38 3.79
C ASP B 54 -12.81 -19.20 3.10
N VAL B 55 -12.36 -17.96 3.34
CA VAL B 55 -12.98 -16.78 2.69
C VAL B 55 -12.78 -16.89 1.17
N PHE B 56 -11.55 -17.15 0.75
CA PHE B 56 -11.23 -17.31 -0.69
C PHE B 56 -12.10 -18.40 -1.32
N GLU B 57 -12.20 -19.59 -0.70
CA GLU B 57 -13.02 -20.68 -1.29
C GLU B 57 -14.50 -20.32 -1.30
N ALA B 58 -14.99 -19.63 -0.24
CA ALA B 58 -16.42 -19.28 -0.21
C ALA B 58 -16.71 -18.28 -1.32
N ALA B 59 -15.82 -17.31 -1.57
CA ALA B 59 -16.01 -16.32 -2.65
C ALA B 59 -15.97 -17.03 -4.01
N ILE B 60 -15.02 -17.94 -4.23
CA ILE B 60 -14.96 -18.77 -5.47
C ILE B 60 -16.31 -19.48 -5.67
N GLU B 61 -16.87 -20.06 -4.62
CA GLU B 61 -18.14 -20.86 -4.73
C GLU B 61 -19.27 -19.94 -5.22
N LEU B 62 -19.26 -18.62 -4.95
CA LEU B 62 -20.36 -17.72 -5.38
C LEU B 62 -20.22 -17.42 -6.86
N LEU B 63 -19.06 -17.71 -7.47
CA LEU B 63 -18.88 -17.36 -8.89
C LEU B 63 -19.68 -18.38 -9.73
N PRO B 64 -20.27 -17.89 -10.86
CA PRO B 64 -21.07 -18.74 -11.74
C PRO B 64 -20.26 -19.54 -12.78
N TYR B 65 -18.96 -19.67 -12.54
CA TYR B 65 -18.01 -20.43 -13.40
C TYR B 65 -16.99 -21.13 -12.54
N PRO B 66 -16.42 -22.25 -13.00
CA PRO B 66 -15.38 -22.93 -12.25
C PRO B 66 -14.10 -22.09 -12.31
N VAL B 67 -13.20 -22.24 -11.33
CA VAL B 67 -11.87 -21.58 -11.36
C VAL B 67 -10.84 -22.63 -11.00
N PRO B 68 -10.39 -23.45 -11.97
CA PRO B 68 -9.36 -24.44 -11.66
C PRO B 68 -8.18 -23.75 -10.98
N ARG B 69 -7.66 -24.34 -9.91
CA ARG B 69 -6.66 -23.68 -9.06
C ARG B 69 -5.79 -24.67 -8.30
N THR B 70 -4.55 -24.26 -8.07
CA THR B 70 -3.55 -24.98 -7.31
C THR B 70 -2.94 -23.99 -6.32
N TYR B 71 -2.90 -24.39 -5.06
CA TYR B 71 -2.24 -23.62 -3.99
C TYR B 71 -0.76 -24.00 -3.91
N ILE B 72 0.12 -22.98 -3.85
CA ILE B 72 1.59 -23.15 -3.72
C ILE B 72 2.06 -22.39 -2.49
N LEU B 73 2.66 -23.07 -1.53
CA LEU B 73 3.21 -22.42 -0.33
C LEU B 73 4.44 -21.60 -0.71
N TYR B 74 4.51 -20.43 -0.12
CA TYR B 74 5.61 -19.46 -0.28
C TYR B 74 6.25 -19.24 1.07
N GLY B 75 7.53 -19.54 1.18
CA GLY B 75 8.27 -19.38 2.43
C GLY B 75 8.89 -20.69 2.92
N ASP B 76 9.93 -20.63 3.75
CA ASP B 76 10.71 -21.83 4.15
C ASP B 76 10.05 -22.60 5.33
N GLY B 77 9.00 -22.08 5.98
CA GLY B 77 8.42 -22.77 7.13
C GLY B 77 9.22 -22.61 8.41
N LYS B 78 10.28 -21.79 8.41
CA LYS B 78 11.07 -21.44 9.63
C LYS B 78 10.72 -20.03 10.14
N ARG B 79 10.64 -19.06 9.23
CA ARG B 79 10.14 -17.70 9.51
C ARG B 79 9.01 -17.41 8.52
N ASN B 80 8.09 -16.53 8.93
CA ASN B 80 7.13 -15.96 8.00
C ASN B 80 7.89 -15.38 6.80
N PRO B 81 7.38 -15.57 5.56
CA PRO B 81 7.98 -14.96 4.37
C PRO B 81 7.74 -13.45 4.31
N SER B 82 8.54 -12.77 3.49
CA SER B 82 8.32 -11.38 3.10
C SER B 82 7.02 -11.30 2.30
N TYR B 83 6.03 -10.58 2.80
CA TYR B 83 4.75 -10.40 2.08
C TYR B 83 4.95 -9.43 0.90
N ASP B 84 5.82 -8.44 1.01
CA ASP B 84 6.17 -7.61 -0.17
C ASP B 84 6.66 -8.53 -1.29
N ASN B 85 7.52 -9.49 -0.95
CA ASN B 85 8.09 -10.36 -2.01
C ASN B 85 7.02 -11.30 -2.55
N LEU B 86 6.11 -11.81 -1.70
CA LEU B 86 5.00 -12.66 -2.17
C LEU B 86 4.21 -11.88 -3.21
N VAL B 87 3.86 -10.62 -2.95
CA VAL B 87 3.07 -9.85 -3.91
C VAL B 87 3.89 -9.59 -5.17
N ASN B 88 5.20 -9.41 -5.04
CA ASN B 88 6.03 -9.19 -6.26
C ASN B 88 6.06 -10.46 -7.12
N GLU B 89 5.85 -11.63 -6.58
CA GLU B 89 5.72 -12.91 -7.33
C GLU B 89 4.48 -12.90 -8.19
N VAL B 90 3.41 -12.21 -7.81
CA VAL B 90 2.22 -11.97 -8.66
C VAL B 90 2.62 -11.04 -9.82
N VAL B 91 3.28 -9.94 -9.50
CA VAL B 91 3.74 -8.96 -10.52
C VAL B 91 4.58 -9.71 -11.54
N ALA B 92 5.42 -10.65 -11.10
CA ALA B 92 6.40 -11.39 -11.93
C ALA B 92 5.69 -12.47 -12.77
N ASP B 93 4.38 -12.64 -12.55
CA ASP B 93 3.61 -13.73 -13.21
C ASP B 93 4.14 -15.11 -12.82
N ASN B 94 4.72 -15.28 -11.63
CA ASN B 94 5.05 -16.60 -11.05
C ASN B 94 3.80 -17.17 -10.35
N PHE B 95 3.01 -16.30 -9.71
CA PHE B 95 1.64 -16.63 -9.24
C PHE B 95 0.67 -15.79 -9.99
N ASP B 96 -0.57 -16.29 -10.21
CA ASP B 96 -1.70 -15.54 -10.78
C ASP B 96 -2.36 -14.70 -9.70
N VAL B 97 -2.31 -15.26 -8.48
CA VAL B 97 -2.97 -14.63 -7.31
C VAL B 97 -2.14 -14.90 -6.06
N ALA B 98 -2.15 -13.98 -5.12
CA ALA B 98 -1.63 -14.25 -3.76
C ALA B 98 -2.81 -14.19 -2.77
N VAL B 99 -2.98 -15.27 -2.03
CA VAL B 99 -4.13 -15.48 -1.11
C VAL B 99 -3.63 -15.71 0.31
N GLY B 100 -4.10 -14.90 1.23
CA GLY B 100 -3.70 -14.95 2.64
C GLY B 100 -4.03 -13.64 3.30
N ASP B 101 -3.35 -13.43 4.42
CA ASP B 101 -3.52 -12.25 5.29
C ASP B 101 -2.66 -11.12 4.72
N ILE B 102 -2.99 -10.71 3.48
CA ILE B 102 -2.12 -9.78 2.73
C ILE B 102 -2.64 -8.34 2.95
N THR B 103 -1.87 -7.53 3.67
CA THR B 103 -2.25 -6.13 3.97
C THR B 103 -2.19 -5.30 2.70
N ILE B 104 -3.28 -4.55 2.49
CA ILE B 104 -3.32 -3.62 1.34
C ILE B 104 -2.52 -2.35 1.73
N VAL B 105 -1.35 -2.21 1.14
CA VAL B 105 -0.50 -1.00 1.38
C VAL B 105 0.00 -0.41 0.07
N THR B 106 0.35 0.89 0.12
CA THR B 106 0.60 1.69 -1.10
C THR B 106 1.59 1.03 -2.05
N ASN B 107 2.77 0.57 -1.59
CA ASN B 107 3.84 -0.01 -2.44
C ASN B 107 3.36 -1.27 -3.16
N ARG B 108 2.31 -1.91 -2.65
CA ARG B 108 1.69 -3.11 -3.27
C ARG B 108 0.58 -2.63 -4.23
N THR B 109 -0.22 -1.61 -3.91
CA THR B 109 -1.42 -1.16 -4.75
C THR B 109 -0.96 -0.47 -6.03
N ARG B 110 0.29 0.01 -6.12
CA ARG B 110 0.89 0.52 -7.39
C ARG B 110 1.13 -0.61 -8.41
N TYR B 111 1.22 -1.88 -8.04
CA TYR B 111 1.59 -2.94 -9.03
C TYR B 111 0.57 -4.09 -9.22
N VAL B 112 -0.38 -4.24 -8.30
CA VAL B 112 -1.34 -5.38 -8.40
C VAL B 112 -2.75 -4.83 -8.27
N ASP B 113 -3.74 -5.71 -8.56
CA ASP B 113 -5.16 -5.43 -8.29
C ASP B 113 -5.63 -6.20 -7.05
N PHE B 114 -5.72 -5.51 -5.93
CA PHE B 114 -6.37 -6.05 -4.71
C PHE B 114 -7.87 -6.11 -4.89
N THR B 115 -8.48 -7.13 -4.28
CA THR B 115 -9.92 -7.06 -3.96
C THR B 115 -10.20 -5.97 -2.92
N GLN B 116 -11.46 -5.58 -2.80
CA GLN B 116 -11.99 -4.94 -1.59
C GLN B 116 -11.53 -5.81 -0.43
N PRO B 117 -11.29 -5.19 0.74
CA PRO B 117 -10.85 -5.95 1.89
C PRO B 117 -11.90 -6.95 2.38
N PHE B 118 -11.43 -8.08 2.88
CA PHE B 118 -12.33 -9.05 3.51
C PHE B 118 -12.25 -8.94 5.03
N ILE B 119 -11.28 -8.18 5.56
CA ILE B 119 -11.23 -7.96 7.04
C ILE B 119 -10.47 -6.66 7.24
N GLU B 120 -10.84 -5.91 8.24
CA GLU B 120 -10.16 -4.65 8.58
C GLU B 120 -8.93 -4.94 9.44
N SER B 121 -7.97 -4.05 9.30
CA SER B 121 -6.71 -4.16 10.06
C SER B 121 -6.16 -2.77 10.34
N GLY B 122 -5.06 -2.76 11.03
CA GLY B 122 -4.40 -1.50 11.43
C GLY B 122 -3.35 -1.87 12.43
N LEU B 123 -2.41 -0.97 12.67
CA LEU B 123 -1.33 -1.26 13.63
C LEU B 123 -1.71 -0.79 15.03
N VAL B 124 -1.24 -1.54 16.00
CA VAL B 124 -1.34 -1.21 17.45
C VAL B 124 -0.01 -1.45 18.11
N VAL B 125 0.10 -0.92 19.34
CA VAL B 125 1.29 -1.09 20.23
C VAL B 125 0.88 -1.99 21.39
N VAL B 126 1.60 -3.06 21.66
CA VAL B 126 1.37 -3.94 22.82
C VAL B 126 2.55 -3.79 23.77
N ALA B 127 2.27 -3.62 25.05
CA ALA B 127 3.32 -3.43 26.06
C ALA B 127 2.82 -3.94 27.40
N PRO B 128 3.76 -4.24 28.32
CA PRO B 128 3.34 -4.64 29.65
C PRO B 128 2.78 -3.41 30.36
N VAL B 129 1.86 -3.66 31.30
CA VAL B 129 1.23 -2.59 32.14
C VAL B 129 2.25 -2.19 33.23
N LYS B 130 3.25 -3.04 33.49
CA LYS B 130 4.50 -2.75 34.27
C LYS B 130 5.25 -1.55 33.67
N GLU B 131 5.11 -1.27 32.37
CA GLU B 131 5.85 -0.21 31.63
C GLU B 131 4.97 1.03 31.43
N ALA B 132 3.72 1.00 31.94
CA ALA B 132 2.75 2.12 31.94
C ALA B 132 3.45 3.44 32.32
N GLY B 133 4.50 3.40 33.16
CA GLY B 133 5.34 4.55 33.54
C GLY B 133 5.94 5.25 32.32
N THR B 134 6.17 4.53 31.21
CA THR B 134 6.96 4.96 30.03
C THR B 134 6.24 4.64 28.71
N ILE B 135 5.79 3.38 28.47
CA ILE B 135 5.29 2.97 27.10
C ILE B 135 3.77 2.94 27.04
N GLU B 136 3.19 4.00 26.50
CA GLU B 136 1.72 4.23 26.55
C GLU B 136 1.03 4.29 25.17
N GLY B 137 1.79 4.03 24.11
CA GLY B 137 1.28 4.20 22.76
C GLY B 137 2.41 4.45 21.80
N ILE B 138 2.08 4.65 20.56
CA ILE B 138 3.10 4.76 19.48
C ILE B 138 3.92 6.03 19.70
N ASP B 139 3.34 7.13 20.15
CA ASP B 139 4.13 8.40 20.23
C ASP B 139 5.19 8.28 21.33
N SER B 140 4.83 7.75 22.49
CA SER B 140 5.78 7.50 23.60
C SER B 140 6.76 6.37 23.23
N LEU B 141 6.32 5.37 22.50
CA LEU B 141 7.24 4.30 22.06
C LEU B 141 8.30 4.95 21.15
N VAL B 142 7.92 5.78 20.18
CA VAL B 142 8.91 6.42 19.27
C VAL B 142 9.94 7.21 20.08
N THR B 143 9.47 8.08 20.98
CA THR B 143 10.38 9.00 21.73
C THR B 143 11.26 8.22 22.71
N SER B 144 10.89 7.00 23.14
CA SER B 144 11.60 6.19 24.16
C SER B 144 13.00 5.76 23.70
N ASN B 145 13.23 5.64 22.41
CA ASN B 145 14.49 5.12 21.81
C ASN B 145 14.70 3.63 22.12
N GLU B 146 13.72 2.94 22.69
CA GLU B 146 13.87 1.52 23.09
C GLU B 146 13.54 0.58 21.94
N PRO B 147 13.98 -0.69 22.04
CA PRO B 147 13.70 -1.65 20.97
C PRO B 147 12.22 -1.95 20.80
N ILE B 148 11.84 -2.23 19.55
CA ILE B 148 10.44 -2.44 19.09
C ILE B 148 10.40 -3.81 18.42
N GLY B 149 9.58 -4.71 18.91
CA GLY B 149 9.41 -6.04 18.30
C GLY B 149 8.41 -5.99 17.15
N VAL B 150 8.70 -6.73 16.08
CA VAL B 150 7.78 -6.91 14.93
C VAL B 150 7.81 -8.38 14.54
N GLN B 151 6.88 -8.79 13.71
CA GLN B 151 6.94 -10.11 13.06
C GLN B 151 8.02 -10.10 11.96
N ASP B 152 8.45 -11.29 11.57
CA ASP B 152 9.16 -11.51 10.29
C ASP B 152 8.17 -11.22 9.16
N GLY B 153 8.65 -10.54 8.09
CA GLY B 153 7.99 -10.51 6.79
C GLY B 153 6.94 -9.43 6.66
N THR B 154 6.62 -8.68 7.70
CA THR B 154 5.52 -7.70 7.69
C THR B 154 5.98 -6.38 7.03
N PHE B 155 5.00 -5.69 6.47
CA PHE B 155 5.12 -4.31 5.99
C PHE B 155 5.46 -3.39 7.16
N ALA B 156 5.14 -3.78 8.40
CA ALA B 156 5.27 -2.84 9.53
C ALA B 156 6.72 -2.40 9.75
N ARG B 157 7.70 -3.22 9.37
CA ARG B 157 9.10 -2.80 9.59
C ARG B 157 9.39 -1.56 8.75
N ASN B 158 9.12 -1.62 7.46
CA ASN B 158 9.37 -0.46 6.56
C ASN B 158 8.48 0.71 6.95
N TYR B 159 7.25 0.48 7.43
CA TYR B 159 6.36 1.55 7.90
C TYR B 159 7.04 2.33 9.02
N LEU B 160 7.50 1.59 10.01
CA LEU B 160 8.08 2.22 11.22
C LEU B 160 9.31 3.02 10.84
N ILE B 161 10.18 2.41 10.02
CA ILE B 161 11.46 3.07 9.64
C ILE B 161 11.19 4.31 8.78
N ASN B 162 10.39 4.19 7.74
CA ASN B 162 10.24 5.23 6.69
C ASN B 162 9.14 6.22 7.09
N GLU B 163 8.00 5.82 7.66
CA GLU B 163 6.92 6.77 7.94
C GLU B 163 7.21 7.46 9.27
N LEU B 164 7.72 6.73 10.27
CA LEU B 164 7.89 7.28 11.65
C LEU B 164 9.38 7.60 11.93
N ASN B 165 10.25 7.38 10.95
CA ASN B 165 11.70 7.76 11.05
C ASN B 165 12.34 7.11 12.28
N ILE B 166 12.08 5.82 12.47
CA ILE B 166 12.67 5.03 13.59
C ILE B 166 14.02 4.48 13.15
N LEU B 167 15.03 4.60 14.01
CA LEU B 167 16.36 4.06 13.71
C LEU B 167 16.23 2.57 13.42
N PRO B 168 16.74 2.05 12.27
CA PRO B 168 16.49 0.66 11.90
C PRO B 168 16.93 -0.37 12.95
N SER B 169 18.01 -0.12 13.71
CA SER B 169 18.50 -1.10 14.70
C SER B 169 17.50 -1.29 15.86
N ARG B 170 16.57 -0.37 16.02
CA ARG B 170 15.54 -0.49 17.09
C ARG B 170 14.55 -1.60 16.74
N ILE B 171 14.43 -1.96 15.46
CA ILE B 171 13.40 -2.90 15.02
C ILE B 171 13.93 -4.29 15.18
N VAL B 172 13.29 -5.05 16.05
CA VAL B 172 13.73 -6.44 16.37
C VAL B 172 12.72 -7.44 15.81
N PRO B 173 13.05 -8.19 14.74
CA PRO B 173 12.15 -9.23 14.25
C PRO B 173 12.10 -10.42 15.21
N LEU B 174 10.87 -10.89 15.44
CA LEU B 174 10.54 -12.02 16.36
C LEU B 174 9.84 -13.12 15.57
N LYS B 175 10.21 -14.36 15.84
CA LYS B 175 9.92 -15.51 14.97
C LYS B 175 8.51 -16.04 15.16
N ASP B 176 8.01 -16.09 16.40
CA ASP B 176 6.81 -16.91 16.71
C ASP B 176 6.31 -16.48 18.08
N GLU B 177 5.21 -17.11 18.51
CA GLU B 177 4.52 -16.78 19.79
C GLU B 177 5.54 -16.85 20.97
N GLU B 178 6.42 -17.85 21.02
CA GLU B 178 7.40 -17.97 22.10
C GLU B 178 8.24 -16.68 22.16
N GLN B 179 8.72 -16.18 20.99
CA GLN B 179 9.60 -14.98 20.96
C GLN B 179 8.79 -13.70 21.22
N TYR B 180 7.55 -13.58 20.73
CA TYR B 180 6.70 -12.40 21.01
C TYR B 180 6.58 -12.28 22.54
N LEU B 181 6.24 -13.37 23.22
CA LEU B 181 5.98 -13.33 24.67
C LEU B 181 7.31 -13.17 25.43
N SER B 182 8.35 -13.91 25.01
CA SER B 182 9.67 -13.87 25.68
C SER B 182 10.27 -12.48 25.57
N ALA B 183 10.17 -11.85 24.40
CA ALA B 183 10.69 -10.50 24.22
C ALA B 183 9.97 -9.49 25.12
N LEU B 184 8.64 -9.52 25.18
CA LEU B 184 7.85 -8.59 26.00
C LEU B 184 8.16 -8.84 27.49
N GLN B 185 8.25 -10.09 27.90
CA GLN B 185 8.56 -10.48 29.31
C GLN B 185 9.97 -9.96 29.66
N ARG B 186 10.97 -10.20 28.82
CA ARG B 186 12.36 -9.80 29.17
C ARG B 186 12.46 -8.28 29.25
N GLY B 187 11.77 -7.56 28.35
CA GLY B 187 11.80 -6.10 28.27
C GLY B 187 13.11 -5.57 27.71
N PRO B 188 13.19 -4.23 27.58
CA PRO B 188 14.26 -3.62 26.79
C PRO B 188 15.69 -3.70 27.36
N ASN B 189 15.86 -4.13 28.62
CA ASN B 189 17.18 -4.14 29.31
C ASN B 189 17.71 -5.57 29.47
N ALA B 190 16.91 -6.60 29.14
CA ALA B 190 17.30 -8.01 29.32
C ALA B 190 17.19 -8.72 27.97
N GLY B 191 17.47 -7.97 26.90
CA GLY B 191 17.57 -8.54 25.53
C GLY B 191 16.20 -8.75 24.88
N GLY B 192 15.17 -8.09 25.41
CA GLY B 192 13.82 -8.10 24.85
C GLY B 192 13.45 -6.76 24.27
N VAL B 193 12.17 -6.44 24.29
CA VAL B 193 11.66 -5.21 23.63
C VAL B 193 10.78 -4.41 24.58
N ALA B 194 10.63 -3.12 24.34
CA ALA B 194 9.74 -2.24 25.12
C ALA B 194 8.26 -2.48 24.76
N ALA B 195 8.01 -2.88 23.51
CA ALA B 195 6.66 -3.10 23.00
C ALA B 195 6.77 -3.87 21.68
N ILE B 196 5.66 -4.45 21.30
CA ILE B 196 5.47 -4.95 19.92
C ILE B 196 4.56 -4.01 19.16
N VAL B 197 4.91 -3.78 17.89
CA VAL B 197 4.02 -3.12 16.91
C VAL B 197 3.58 -4.21 15.94
N ASP B 198 2.28 -4.39 15.81
CA ASP B 198 1.73 -5.42 14.90
C ASP B 198 0.29 -5.07 14.55
N GLU B 199 -0.24 -5.75 13.52
CA GLU B 199 -1.65 -5.51 13.17
C GLU B 199 -2.57 -6.11 14.25
N LEU B 200 -3.65 -5.42 14.46
CA LEU B 200 -4.63 -5.83 15.50
C LEU B 200 -5.11 -7.28 15.35
N PRO B 201 -5.45 -7.84 14.17
CA PRO B 201 -5.89 -9.24 14.11
C PRO B 201 -4.88 -10.21 14.70
N TYR B 202 -3.59 -9.95 14.59
CA TYR B 202 -2.59 -10.86 15.20
C TYR B 202 -2.59 -10.63 16.71
N ILE B 203 -2.58 -9.38 17.14
CA ILE B 203 -2.52 -9.05 18.60
C ILE B 203 -3.74 -9.59 19.31
N GLU B 204 -4.91 -9.55 18.70
CA GLU B 204 -6.14 -10.16 19.29
C GLU B 204 -5.83 -11.60 19.65
N VAL B 205 -5.19 -12.34 18.75
CA VAL B 205 -4.86 -13.77 18.96
C VAL B 205 -3.78 -13.88 20.03
N LEU B 206 -2.74 -13.04 19.99
CA LEU B 206 -1.58 -13.21 20.88
C LEU B 206 -2.07 -13.19 22.33
N LEU B 207 -2.95 -12.25 22.64
CA LEU B 207 -3.34 -11.95 24.04
C LEU B 207 -4.59 -12.70 24.44
N THR B 208 -5.21 -13.45 23.55
CA THR B 208 -6.32 -14.38 23.87
C THR B 208 -5.79 -15.41 24.85
N ASN B 209 -6.58 -15.72 25.86
CA ASN B 209 -6.25 -16.73 26.89
C ASN B 209 -5.16 -16.23 27.85
N SER B 210 -4.76 -14.97 27.76
CA SER B 210 -3.74 -14.44 28.71
C SER B 210 -4.48 -13.65 29.78
N ASN B 211 -3.76 -13.20 30.80
CA ASN B 211 -4.35 -12.43 31.90
C ASN B 211 -4.12 -10.91 31.69
N CYS B 212 -3.72 -10.48 30.50
CA CYS B 212 -3.58 -9.04 30.14
C CYS B 212 -2.42 -8.43 30.91
N LYS B 213 -1.43 -9.22 31.26
CA LYS B 213 -0.11 -8.68 31.65
C LYS B 213 0.43 -7.77 30.51
N PHE B 214 0.18 -8.14 29.26
CA PHE B 214 0.47 -7.31 28.05
C PHE B 214 -0.88 -6.84 27.50
N ARG B 215 -0.97 -5.60 27.05
CA ARG B 215 -2.23 -4.96 26.62
C ARG B 215 -1.91 -4.10 25.41
N THR B 216 -2.91 -3.81 24.58
CA THR B 216 -2.76 -2.73 23.61
C THR B 216 -2.77 -1.42 24.39
N VAL B 217 -1.98 -0.46 23.97
CA VAL B 217 -1.89 0.89 24.60
C VAL B 217 -1.95 1.93 23.50
N GLY B 218 -2.72 2.98 23.73
CA GLY B 218 -2.84 4.15 22.85
C GLY B 218 -3.62 3.85 21.57
N GLN B 219 -3.48 4.72 20.57
CA GLN B 219 -4.27 4.80 19.31
C GLN B 219 -3.89 3.63 18.39
N GLU B 220 -4.86 3.09 17.65
CA GLU B 220 -4.62 2.29 16.41
C GLU B 220 -4.19 3.23 15.29
N PHE B 221 -3.31 2.83 14.38
CA PHE B 221 -2.82 3.70 13.29
C PHE B 221 -2.69 2.91 11.99
N THR B 222 -2.52 3.65 10.89
CA THR B 222 -2.44 3.15 9.51
C THR B 222 -3.52 2.08 9.31
N ARG B 223 -4.78 2.43 9.52
CA ARG B 223 -5.88 1.49 9.24
C ARG B 223 -5.89 1.12 7.76
N THR B 224 -6.17 -0.18 7.53
CA THR B 224 -6.31 -0.74 6.17
C THR B 224 -7.06 -2.06 6.33
N GLY B 225 -6.86 -2.95 5.41
CA GLY B 225 -7.47 -4.26 5.49
C GLY B 225 -6.60 -5.27 4.76
N TRP B 226 -7.06 -6.50 4.79
CA TRP B 226 -6.45 -7.61 4.05
C TRP B 226 -7.27 -7.87 2.79
N GLY B 227 -6.57 -8.14 1.67
CA GLY B 227 -7.26 -8.52 0.44
C GLY B 227 -6.51 -9.56 -0.34
N PHE B 228 -7.12 -10.04 -1.41
CA PHE B 228 -6.44 -10.97 -2.33
C PHE B 228 -5.80 -10.17 -3.48
N ALA B 229 -4.59 -10.54 -3.85
CA ALA B 229 -3.75 -9.79 -4.83
C ALA B 229 -3.74 -10.56 -6.16
N PHE B 230 -4.37 -9.93 -7.15
CA PHE B 230 -4.46 -10.43 -8.53
C PHE B 230 -3.54 -9.60 -9.40
N GLN B 231 -3.28 -10.07 -10.61
CA GLN B 231 -2.49 -9.26 -11.58
C GLN B 231 -3.26 -8.02 -12.04
N ARG B 232 -2.53 -6.96 -12.44
CA ARG B 232 -3.14 -5.68 -12.91
C ARG B 232 -4.22 -5.96 -13.97
N ASP B 233 -5.38 -5.28 -13.86
CA ASP B 233 -6.52 -5.38 -14.82
C ASP B 233 -7.14 -6.79 -14.84
N SER B 234 -6.98 -7.61 -13.80
CA SER B 234 -7.59 -8.99 -13.76
C SER B 234 -9.12 -8.89 -13.66
N PRO B 235 -9.90 -9.52 -14.57
CA PRO B 235 -11.35 -9.53 -14.42
C PRO B 235 -11.80 -10.39 -13.22
N LEU B 236 -11.01 -11.40 -12.89
CA LEU B 236 -11.35 -12.27 -11.74
C LEU B 236 -11.30 -11.42 -10.46
N ALA B 237 -10.33 -10.50 -10.34
CA ALA B 237 -10.29 -9.60 -9.17
C ALA B 237 -11.63 -8.89 -8.96
N VAL B 238 -12.21 -8.38 -10.03
CA VAL B 238 -13.48 -7.62 -9.96
C VAL B 238 -14.58 -8.56 -9.45
N ASP B 239 -14.69 -9.74 -10.03
CA ASP B 239 -15.80 -10.66 -9.63
C ASP B 239 -15.57 -11.12 -8.18
N MET B 240 -14.30 -11.33 -7.78
CA MET B 240 -14.00 -11.75 -6.39
C MET B 240 -14.34 -10.62 -5.39
N SER B 241 -14.13 -9.33 -5.70
CA SER B 241 -14.58 -8.22 -4.81
C SER B 241 -16.07 -8.31 -4.62
N THR B 242 -16.82 -8.46 -5.71
CA THR B 242 -18.28 -8.50 -5.57
C THR B 242 -18.64 -9.73 -4.72
N ALA B 243 -17.97 -10.84 -4.91
CA ALA B 243 -18.21 -12.10 -4.15
C ALA B 243 -17.92 -11.88 -2.67
N ILE B 244 -16.83 -11.20 -2.33
CA ILE B 244 -16.53 -10.87 -0.90
C ILE B 244 -17.63 -10.03 -0.29
N LEU B 245 -18.10 -9.00 -1.00
CA LEU B 245 -19.19 -8.15 -0.52
C LEU B 245 -20.47 -8.98 -0.34
N GLN B 246 -20.73 -9.91 -1.28
CA GLN B 246 -21.93 -10.81 -1.19
C GLN B 246 -21.78 -11.62 0.10
N LEU B 247 -20.60 -12.21 0.35
CA LEU B 247 -20.40 -12.97 1.58
C LEU B 247 -20.70 -12.11 2.80
N SER B 248 -20.30 -10.83 2.79
CA SER B 248 -20.60 -9.94 3.94
C SER B 248 -22.09 -9.66 4.08
N GLU B 249 -22.73 -9.28 3.00
CA GLU B 249 -24.18 -8.98 2.94
C GLU B 249 -24.98 -10.19 3.44
N GLU B 250 -24.52 -11.38 3.06
CA GLU B 250 -25.29 -12.61 3.41
C GLU B 250 -24.96 -13.08 4.83
N GLY B 251 -24.03 -12.49 5.56
CA GLY B 251 -23.71 -12.96 6.92
C GLY B 251 -22.68 -14.08 6.93
N GLU B 252 -22.17 -14.51 5.78
CA GLU B 252 -21.20 -15.63 5.69
C GLU B 252 -19.80 -15.20 6.16
N LEU B 253 -19.30 -13.97 5.91
CA LEU B 253 -17.96 -13.62 6.41
C LEU B 253 -17.90 -13.73 7.95
N GLU B 254 -18.93 -13.27 8.64
CA GLU B 254 -18.99 -13.28 10.11
C GLU B 254 -19.01 -14.76 10.55
N LYS B 255 -19.74 -15.63 9.84
CA LYS B 255 -19.79 -17.07 10.18
C LYS B 255 -18.37 -17.67 10.09
N ILE B 256 -17.62 -17.31 9.05
CA ILE B 256 -16.24 -17.84 8.89
C ILE B 256 -15.35 -17.27 10.00
N HIS B 257 -15.53 -16.01 10.36
CA HIS B 257 -14.76 -15.36 11.47
C HIS B 257 -15.01 -16.15 12.77
N ARG B 258 -16.26 -16.56 13.03
CA ARG B 258 -16.62 -17.25 14.31
C ARG B 258 -16.03 -18.66 14.34
N LYS B 259 -15.90 -19.32 13.19
CA LYS B 259 -15.23 -20.62 13.10
C LYS B 259 -13.77 -20.52 13.58
N TRP B 260 -13.01 -19.47 13.22
CA TRP B 260 -11.53 -19.44 13.41
C TRP B 260 -11.10 -18.57 14.61
N LEU B 261 -11.86 -17.54 14.96
CA LEU B 261 -11.48 -16.38 15.84
C LEU B 261 -12.58 -15.99 16.85
N ASN B 262 -12.38 -14.91 17.64
CA ASN B 262 -13.40 -14.26 18.52
C ASN B 262 -13.64 -12.79 18.13
N TYR B 263 -14.81 -12.23 18.51
CA TYR B 263 -15.20 -10.80 18.24
C TYR B 263 -14.84 -9.89 19.42
N LYS B 264 -14.94 -10.37 20.66
CA LYS B 264 -14.53 -9.63 21.90
C LYS B 264 -13.18 -10.16 22.38
N HIS B 265 -12.32 -9.25 22.82
CA HIS B 265 -10.99 -9.55 23.43
C HIS B 265 -10.78 -8.60 24.61
N GLU B 266 -10.31 -9.14 25.75
CA GLU B 266 -10.28 -8.43 27.05
C GLU B 266 -8.97 -7.63 27.15
N CYS B 267 -7.94 -7.95 26.36
CA CYS B 267 -6.64 -7.25 26.50
C CYS B 267 -6.44 -6.26 25.35
N SER B 268 -7.34 -6.23 24.34
CA SER B 268 -7.26 -5.27 23.21
C SER B 268 -8.15 -4.04 23.49
N GLY C 17 -3.22 23.27 -17.39
CA GLY C 17 -3.52 23.92 -18.70
C GLY C 17 -2.63 23.47 -19.87
N SER C 18 -3.18 22.61 -20.75
CA SER C 18 -2.56 22.12 -22.01
C SER C 18 -3.49 22.40 -23.21
N ALA C 19 -2.98 22.31 -24.46
CA ALA C 19 -3.62 22.77 -25.73
C ALA C 19 -4.98 22.07 -25.99
N MET C 20 -5.92 22.78 -26.62
CA MET C 20 -7.42 22.59 -26.63
C MET C 20 -8.00 22.39 -25.23
N GLY C 21 -7.62 21.36 -24.45
CA GLY C 21 -8.12 21.11 -23.08
C GLY C 21 -9.49 20.43 -23.07
N SER C 22 -9.95 19.95 -21.90
CA SER C 22 -11.18 19.12 -21.77
C SER C 22 -12.10 19.73 -20.71
N LYS C 23 -13.37 19.34 -20.67
CA LYS C 23 -14.28 19.87 -19.62
C LYS C 23 -13.82 19.29 -18.30
N PRO C 24 -13.89 20.03 -17.20
CA PRO C 24 -13.71 19.46 -15.86
C PRO C 24 -14.64 18.28 -15.57
N LEU C 25 -14.22 17.38 -14.73
CA LEU C 25 -15.07 16.26 -14.28
C LEU C 25 -16.32 16.80 -13.60
N ARG C 26 -17.45 16.10 -13.80
CA ARG C 26 -18.75 16.42 -13.17
C ARG C 26 -18.89 15.46 -12.00
N ILE C 27 -18.67 15.93 -10.79
CA ILE C 27 -18.65 15.07 -9.58
C ILE C 27 -19.94 15.30 -8.80
N GLY C 28 -20.78 14.27 -8.76
CA GLY C 28 -22.02 14.39 -7.97
C GLY C 28 -21.76 14.19 -6.50
N VAL C 29 -22.37 15.02 -5.66
CA VAL C 29 -22.19 15.00 -4.21
C VAL C 29 -23.57 15.01 -3.58
N PRO C 30 -23.86 14.10 -2.60
CA PRO C 30 -25.18 14.01 -1.99
C PRO C 30 -25.43 15.26 -1.15
N ASN C 31 -26.59 15.87 -1.36
CA ASN C 31 -27.03 17.09 -0.66
C ASN C 31 -27.63 16.66 0.68
N ARG C 32 -26.81 16.23 1.63
CA ARG C 32 -27.32 15.66 2.87
C ARG C 32 -28.08 16.71 3.69
N VAL C 33 -29.09 16.25 4.40
CA VAL C 33 -29.86 17.12 5.34
C VAL C 33 -29.63 16.67 6.77
N SER C 34 -29.00 15.53 7.01
CA SER C 34 -28.66 15.03 8.35
C SER C 34 -27.21 14.56 8.34
N TYR C 35 -26.55 14.51 9.49
CA TYR C 35 -25.13 14.07 9.58
C TYR C 35 -24.28 14.84 8.57
N THR C 36 -24.42 16.17 8.54
CA THR C 36 -23.86 17.05 7.49
C THR C 36 -22.36 17.26 7.64
N ASP C 37 -21.74 16.87 8.75
CA ASP C 37 -20.26 16.89 8.85
C ASP C 37 -19.59 15.85 7.95
N TYR C 38 -20.34 14.85 7.46
CA TYR C 38 -19.76 13.87 6.54
C TYR C 38 -19.66 14.47 5.16
N VAL C 39 -20.68 15.14 4.70
CA VAL C 39 -20.67 15.81 3.37
C VAL C 39 -21.91 16.67 3.30
N SER C 40 -21.78 17.88 2.77
CA SER C 40 -22.95 18.77 2.59
C SER C 40 -22.59 19.93 1.69
N LYS C 41 -23.61 20.72 1.39
CA LYS C 41 -23.46 21.98 0.64
C LYS C 41 -22.60 22.98 1.46
N ASP C 42 -21.96 23.89 0.72
CA ASP C 42 -21.15 25.00 1.29
C ASP C 42 -21.49 26.25 0.48
N LYS C 43 -21.69 27.37 1.18
CA LYS C 43 -21.79 28.73 0.58
C LYS C 43 -20.46 29.12 -0.08
N ASN C 44 -19.32 28.58 0.40
CA ASN C 44 -17.96 28.97 -0.07
C ASN C 44 -17.50 27.99 -1.15
N PRO C 45 -16.58 28.43 -2.04
CA PRO C 45 -15.93 27.56 -3.02
C PRO C 45 -15.36 26.36 -2.28
N PRO C 46 -15.44 25.13 -2.82
CA PRO C 46 -15.92 24.81 -4.16
C PRO C 46 -17.41 24.44 -4.16
N GLY C 47 -18.15 24.82 -3.14
CA GLY C 47 -19.63 24.66 -3.13
C GLY C 47 -20.10 23.46 -2.31
N VAL C 48 -19.17 22.62 -1.85
CA VAL C 48 -19.44 21.46 -0.97
C VAL C 48 -18.36 21.40 0.10
N ARG C 49 -18.63 20.68 1.16
CA ARG C 49 -17.67 20.57 2.27
C ARG C 49 -17.95 19.29 3.04
N GLY C 50 -17.02 18.94 3.91
CA GLY C 50 -17.20 17.88 4.89
C GLY C 50 -16.08 16.87 4.84
N TYR C 51 -16.17 15.90 5.73
CA TYR C 51 -15.17 14.81 5.85
C TYR C 51 -14.83 14.19 4.49
N CYS C 52 -15.85 13.75 3.76
CA CYS C 52 -15.63 13.02 2.51
C CYS C 52 -15.01 13.94 1.45
N ILE C 53 -15.36 15.24 1.44
CA ILE C 53 -14.79 16.19 0.46
C ILE C 53 -13.30 16.38 0.77
N ASP C 54 -13.00 16.55 2.05
CA ASP C 54 -11.58 16.78 2.41
C ASP C 54 -10.77 15.51 2.15
N VAL C 55 -11.34 14.31 2.32
CA VAL C 55 -10.56 13.09 1.95
C VAL C 55 -10.35 13.13 0.45
N PHE C 56 -11.40 13.32 -0.32
CA PHE C 56 -11.29 13.32 -1.80
C PHE C 56 -10.21 14.33 -2.22
N GLU C 57 -10.31 15.57 -1.75
CA GLU C 57 -9.34 16.65 -2.12
C GLU C 57 -7.92 16.30 -1.67
N ALA C 58 -7.76 15.67 -0.52
CA ALA C 58 -6.41 15.28 -0.08
C ALA C 58 -5.85 14.15 -0.95
N ALA C 59 -6.68 13.22 -1.38
CA ALA C 59 -6.24 12.18 -2.32
C ALA C 59 -5.90 12.74 -3.69
N ILE C 60 -6.72 13.63 -4.25
CA ILE C 60 -6.36 14.31 -5.54
C ILE C 60 -4.97 14.94 -5.41
N GLU C 61 -4.74 15.59 -4.27
CA GLU C 61 -3.53 16.42 -4.06
C GLU C 61 -2.30 15.49 -4.18
N LEU C 62 -2.45 14.19 -3.90
CA LEU C 62 -1.29 13.27 -3.97
C LEU C 62 -0.99 12.79 -5.39
N LEU C 63 -1.89 12.95 -6.35
CA LEU C 63 -1.71 12.49 -7.74
C LEU C 63 -0.67 13.38 -8.40
N PRO C 64 0.12 12.79 -9.31
CA PRO C 64 1.18 13.54 -9.97
C PRO C 64 0.72 14.34 -11.19
N TYR C 65 -0.60 14.43 -11.39
CA TYR C 65 -1.22 15.19 -12.50
C TYR C 65 -2.38 15.95 -11.90
N PRO C 66 -2.80 17.05 -12.55
CA PRO C 66 -4.02 17.74 -12.11
C PRO C 66 -5.29 17.00 -12.55
N VAL C 67 -6.37 17.27 -11.84
CA VAL C 67 -7.72 16.75 -12.18
C VAL C 67 -8.76 17.86 -12.10
N PRO C 68 -8.88 18.70 -13.17
CA PRO C 68 -9.92 19.71 -13.17
C PRO C 68 -11.30 19.09 -12.83
N ARG C 69 -12.01 19.71 -11.92
CA ARG C 69 -13.23 19.09 -11.38
C ARG C 69 -14.21 20.11 -10.87
N THR C 70 -15.50 19.76 -10.93
CA THR C 70 -16.62 20.53 -10.40
C THR C 70 -17.45 19.61 -9.53
N TYR C 71 -17.96 20.11 -8.44
CA TYR C 71 -18.91 19.36 -7.57
C TYR C 71 -20.31 19.86 -7.92
N ILE C 72 -21.26 18.92 -8.02
CA ILE C 72 -22.69 19.21 -8.34
C ILE C 72 -23.51 18.52 -7.24
N LEU C 73 -24.32 19.27 -6.53
CA LEU C 73 -25.15 18.74 -5.42
C LEU C 73 -26.29 17.91 -5.99
N TYR C 74 -26.56 16.80 -5.35
CA TYR C 74 -27.57 15.84 -5.82
C TYR C 74 -28.52 15.63 -4.66
N GLY C 75 -29.75 16.03 -4.90
CA GLY C 75 -30.83 15.97 -3.90
C GLY C 75 -31.56 17.26 -3.71
N ASP C 76 -32.84 17.15 -3.40
CA ASP C 76 -33.73 18.35 -3.34
C ASP C 76 -33.49 19.23 -2.12
N GLY C 77 -32.66 18.85 -1.17
CA GLY C 77 -32.42 19.64 0.04
C GLY C 77 -33.53 19.54 1.08
N LYS C 78 -34.57 18.71 0.87
CA LYS C 78 -35.64 18.46 1.88
C LYS C 78 -35.34 17.14 2.62
N ARG C 79 -34.95 16.14 1.87
CA ARG C 79 -34.65 14.80 2.37
C ARG C 79 -33.29 14.42 1.76
N ASN C 80 -32.62 13.52 2.44
CA ASN C 80 -31.40 12.94 1.85
C ASN C 80 -31.75 12.33 0.51
N PRO C 81 -30.87 12.40 -0.49
CA PRO C 81 -31.19 11.81 -1.78
C PRO C 81 -31.10 10.29 -1.71
N SER C 82 -31.65 9.67 -2.73
CA SER C 82 -31.42 8.25 -3.04
C SER C 82 -29.95 8.06 -3.40
N TYR C 83 -29.22 7.27 -2.63
CA TYR C 83 -27.80 7.02 -2.96
C TYR C 83 -27.67 6.02 -4.12
N ASP C 84 -28.64 5.11 -4.26
CA ASP C 84 -28.63 4.24 -5.46
C ASP C 84 -28.84 5.09 -6.73
N ASN C 85 -29.72 6.09 -6.68
CA ASN C 85 -29.96 7.00 -7.83
C ASN C 85 -28.71 7.84 -8.12
N LEU C 86 -28.02 8.31 -7.09
CA LEU C 86 -26.72 9.02 -7.30
C LEU C 86 -25.72 8.12 -8.04
N VAL C 87 -25.55 6.85 -7.64
CA VAL C 87 -24.68 5.88 -8.35
C VAL C 87 -25.23 5.70 -9.77
N ASN C 88 -26.54 5.57 -9.96
CA ASN C 88 -27.14 5.41 -11.31
C ASN C 88 -26.79 6.59 -12.22
N GLU C 89 -26.66 7.81 -11.68
CA GLU C 89 -26.27 8.98 -12.49
C GLU C 89 -24.84 8.85 -13.00
N VAL C 90 -23.94 8.26 -12.22
CA VAL C 90 -22.58 7.91 -12.70
C VAL C 90 -22.67 6.88 -13.84
N VAL C 91 -23.41 5.79 -13.63
CA VAL C 91 -23.59 4.75 -14.69
C VAL C 91 -24.14 5.37 -15.96
N ALA C 92 -25.07 6.31 -15.86
CA ALA C 92 -25.79 6.97 -16.96
C ALA C 92 -24.96 8.08 -17.62
N ASP C 93 -23.77 8.35 -17.07
CA ASP C 93 -22.86 9.43 -17.56
C ASP C 93 -23.51 10.81 -17.43
N ASN C 94 -24.39 11.02 -16.43
CA ASN C 94 -24.80 12.38 -16.04
C ASN C 94 -23.82 12.97 -15.01
N PHE C 95 -23.11 12.10 -14.30
CA PHE C 95 -21.89 12.46 -13.54
C PHE C 95 -20.77 11.56 -14.06
N ASP C 96 -19.54 12.05 -13.86
CA ASP C 96 -18.33 11.26 -14.13
C ASP C 96 -17.91 10.44 -12.93
N VAL C 97 -18.23 10.96 -11.75
CA VAL C 97 -17.82 10.46 -10.42
C VAL C 97 -18.88 10.84 -9.40
N ALA C 98 -19.07 10.03 -8.36
CA ALA C 98 -19.81 10.40 -7.16
C ALA C 98 -18.87 10.34 -5.97
N VAL C 99 -18.95 11.41 -5.17
CA VAL C 99 -18.09 11.63 -3.98
C VAL C 99 -18.98 11.93 -2.80
N GLY C 100 -18.81 11.15 -1.75
CA GLY C 100 -19.48 11.32 -0.49
C GLY C 100 -19.45 10.08 0.32
N ASP C 101 -20.43 9.93 1.19
CA ASP C 101 -20.59 8.80 2.14
C ASP C 101 -21.27 7.63 1.46
N ILE C 102 -20.64 7.11 0.39
CA ILE C 102 -21.34 6.20 -0.51
C ILE C 102 -20.94 4.77 -0.14
N THR C 103 -21.90 4.00 0.35
CA THR C 103 -21.62 2.65 0.84
C THR C 103 -21.32 1.72 -0.34
N ILE C 104 -20.27 0.91 -0.21
CA ILE C 104 -19.93 -0.11 -1.24
C ILE C 104 -20.79 -1.35 -0.99
N VAL C 105 -21.75 -1.57 -1.85
CA VAL C 105 -22.63 -2.79 -1.78
C VAL C 105 -22.72 -3.39 -3.17
N THR C 106 -23.04 -4.70 -3.26
CA THR C 106 -23.00 -5.47 -4.54
C THR C 106 -23.87 -4.92 -5.66
N ASN C 107 -25.06 -4.43 -5.39
CA ASN C 107 -25.94 -3.88 -6.46
C ASN C 107 -25.29 -2.60 -7.08
N ARG C 108 -24.34 -1.98 -6.40
CA ARG C 108 -23.57 -0.84 -6.97
C ARG C 108 -22.24 -1.31 -7.58
N THR C 109 -21.53 -2.22 -6.96
CA THR C 109 -20.19 -2.69 -7.47
C THR C 109 -20.37 -3.38 -8.81
N ARG C 110 -21.57 -3.84 -9.13
CA ARG C 110 -21.78 -4.50 -10.45
C ARG C 110 -21.69 -3.45 -11.56
N TYR C 111 -21.92 -2.16 -11.29
CA TYR C 111 -22.04 -1.18 -12.39
C TYR C 111 -21.00 -0.04 -12.38
N VAL C 112 -20.43 0.23 -11.23
CA VAL C 112 -19.40 1.31 -11.09
C VAL C 112 -18.12 0.74 -10.48
N ASP C 113 -17.04 1.53 -10.57
CA ASP C 113 -15.73 1.13 -10.01
C ASP C 113 -15.46 1.98 -8.77
N PHE C 114 -15.63 1.39 -7.62
CA PHE C 114 -15.32 2.05 -6.33
C PHE C 114 -13.84 2.02 -6.07
N THR C 115 -13.35 3.04 -5.40
CA THR C 115 -12.02 2.98 -4.77
C THR C 115 -12.02 1.96 -3.65
N GLN C 116 -10.85 1.64 -3.13
CA GLN C 116 -10.69 1.07 -1.79
C GLN C 116 -11.46 1.97 -0.83
N PRO C 117 -12.01 1.43 0.25
CA PRO C 117 -12.77 2.25 1.18
C PRO C 117 -11.86 3.24 1.89
N PHE C 118 -12.39 4.45 2.13
CA PHE C 118 -11.66 5.43 2.95
C PHE C 118 -12.08 5.41 4.41
N ILE C 119 -13.20 4.73 4.71
CA ILE C 119 -13.68 4.53 6.10
C ILE C 119 -14.49 3.25 6.17
N GLU C 120 -14.41 2.53 7.30
CA GLU C 120 -15.15 1.27 7.48
C GLU C 120 -16.61 1.59 7.84
N SER C 121 -17.54 0.74 7.43
CA SER C 121 -18.96 0.93 7.79
C SER C 121 -19.60 -0.45 7.95
N GLY C 122 -20.86 -0.41 8.33
CA GLY C 122 -21.72 -1.60 8.47
C GLY C 122 -22.93 -1.19 9.28
N LEU C 123 -23.95 -2.03 9.32
CA LEU C 123 -25.25 -1.73 9.96
C LEU C 123 -25.24 -2.15 11.42
N VAL C 124 -25.91 -1.31 12.24
CA VAL C 124 -26.15 -1.66 13.65
C VAL C 124 -27.63 -1.38 13.96
N VAL C 125 -28.10 -2.02 15.03
CA VAL C 125 -29.45 -1.85 15.62
C VAL C 125 -29.29 -0.88 16.80
N VAL C 126 -30.12 0.16 16.80
CA VAL C 126 -30.13 1.17 17.90
C VAL C 126 -31.49 1.12 18.56
N ALA C 127 -31.52 0.91 19.89
CA ALA C 127 -32.78 0.86 20.66
C ALA C 127 -32.60 1.64 21.95
N PRO C 128 -33.71 2.00 22.62
CA PRO C 128 -33.61 2.69 23.91
C PRO C 128 -32.90 1.78 24.94
N VAL C 129 -32.00 2.35 25.73
CA VAL C 129 -31.31 1.63 26.86
C VAL C 129 -32.38 1.00 27.76
N LYS C 130 -33.41 1.75 28.14
CA LYS C 130 -34.49 1.26 29.04
C LYS C 130 -35.67 0.75 28.20
N GLU C 131 -36.36 -0.28 28.70
CA GLU C 131 -37.57 -0.89 28.09
C GLU C 131 -37.30 -1.21 26.62
N ALA C 132 -36.16 -1.83 26.31
CA ALA C 132 -35.81 -2.38 24.97
C ALA C 132 -36.80 -3.49 24.58
N GLY C 133 -37.48 -4.10 25.57
CA GLY C 133 -38.33 -5.28 25.40
C GLY C 133 -37.51 -6.47 24.91
N THR C 134 -37.92 -7.08 23.80
CA THR C 134 -37.26 -8.28 23.19
C THR C 134 -36.18 -7.87 22.19
N ILE C 135 -35.89 -6.57 21.99
CA ILE C 135 -34.97 -6.15 20.88
C ILE C 135 -33.53 -6.17 21.40
N GLU C 136 -32.78 -7.23 21.07
CA GLU C 136 -31.37 -7.36 21.55
C GLU C 136 -30.42 -7.51 20.36
N GLY C 137 -30.92 -7.37 19.12
CA GLY C 137 -30.05 -7.44 17.94
C GLY C 137 -30.88 -7.60 16.71
N ILE C 138 -30.21 -7.74 15.56
CA ILE C 138 -30.92 -7.80 14.27
C ILE C 138 -31.84 -9.02 14.25
N ASP C 139 -31.42 -10.18 14.74
CA ASP C 139 -32.27 -11.41 14.71
C ASP C 139 -33.60 -11.20 15.47
N SER C 140 -33.58 -10.67 16.69
CA SER C 140 -34.80 -10.41 17.49
C SER C 140 -35.57 -9.23 16.88
N LEU C 141 -34.90 -8.29 16.19
CA LEU C 141 -35.66 -7.15 15.61
C LEU C 141 -36.50 -7.69 14.46
N VAL C 142 -35.95 -8.61 13.68
CA VAL C 142 -36.64 -9.22 12.52
C VAL C 142 -37.87 -9.99 13.04
N THR C 143 -37.67 -10.83 14.05
CA THR C 143 -38.78 -11.67 14.59
C THR C 143 -39.83 -10.79 15.31
N SER C 144 -39.50 -9.61 15.82
CA SER C 144 -40.44 -8.77 16.62
C SER C 144 -41.66 -8.37 15.78
N ASN C 145 -41.57 -8.31 14.45
CA ASN C 145 -42.64 -7.76 13.56
C ASN C 145 -42.98 -6.28 13.89
N GLU C 146 -42.12 -5.60 14.63
CA GLU C 146 -42.33 -4.16 14.98
C GLU C 146 -41.70 -3.24 13.91
N PRO C 147 -42.11 -1.95 13.86
CA PRO C 147 -41.56 -1.02 12.88
C PRO C 147 -40.07 -0.75 13.17
N ILE C 148 -39.33 -0.53 12.09
CA ILE C 148 -37.86 -0.24 12.06
C ILE C 148 -37.64 1.09 11.38
N GLY C 149 -36.91 1.98 12.03
CA GLY C 149 -36.55 3.29 11.45
C GLY C 149 -35.32 3.18 10.58
N VAL C 150 -35.27 3.95 9.49
CA VAL C 150 -34.08 4.05 8.60
C VAL C 150 -33.99 5.50 8.16
N GLN C 151 -32.81 5.92 7.69
CA GLN C 151 -32.70 7.20 6.98
C GLN C 151 -33.43 7.14 5.66
N ASP C 152 -33.79 8.31 5.14
CA ASP C 152 -34.13 8.50 3.71
C ASP C 152 -32.89 8.21 2.85
N GLY C 153 -33.06 7.48 1.78
CA GLY C 153 -32.06 7.42 0.68
C GLY C 153 -31.02 6.31 0.84
N THR C 154 -31.08 5.55 1.92
CA THR C 154 -30.01 4.58 2.29
C THR C 154 -30.27 3.27 1.57
N PHE C 155 -29.18 2.57 1.26
CA PHE C 155 -29.19 1.16 0.81
C PHE C 155 -29.82 0.28 1.87
N ALA C 156 -29.87 0.74 3.13
CA ALA C 156 -30.30 -0.15 4.21
C ALA C 156 -31.74 -0.60 3.97
N ARG C 157 -32.61 0.22 3.40
CA ARG C 157 -34.03 -0.19 3.26
C ARG C 157 -34.09 -1.48 2.42
N ASN C 158 -33.48 -1.52 1.25
CA ASN C 158 -33.56 -2.72 0.37
C ASN C 158 -32.72 -3.87 0.95
N TYR C 159 -31.69 -3.60 1.72
CA TYR C 159 -30.96 -4.64 2.46
C TYR C 159 -31.97 -5.36 3.36
N LEU C 160 -32.73 -4.58 4.13
CA LEU C 160 -33.67 -5.17 5.11
C LEU C 160 -34.75 -5.97 4.36
N ILE C 161 -35.30 -5.42 3.29
CA ILE C 161 -36.39 -6.08 2.52
C ILE C 161 -35.86 -7.33 1.81
N ASN C 162 -34.75 -7.20 1.09
CA ASN C 162 -34.25 -8.25 0.18
C ASN C 162 -33.41 -9.29 0.92
N GLU C 163 -32.49 -8.90 1.77
CA GLU C 163 -31.58 -9.84 2.44
C GLU C 163 -32.29 -10.47 3.63
N LEU C 164 -33.06 -9.72 4.42
CA LEU C 164 -33.59 -10.27 5.69
C LEU C 164 -35.09 -10.55 5.60
N ASN C 165 -35.68 -10.36 4.41
CA ASN C 165 -37.10 -10.62 4.06
C ASN C 165 -38.01 -9.85 5.01
N ILE C 166 -37.65 -8.63 5.42
CA ILE C 166 -38.55 -7.81 6.28
C ILE C 166 -39.69 -7.29 5.41
N LEU C 167 -40.93 -7.36 5.91
CA LEU C 167 -42.12 -6.82 5.20
C LEU C 167 -41.87 -5.34 4.97
N PRO C 168 -42.01 -4.82 3.73
CA PRO C 168 -41.68 -3.42 3.45
C PRO C 168 -42.44 -2.41 4.31
N SER C 169 -43.71 -2.70 4.65
CA SER C 169 -44.55 -1.80 5.47
C SER C 169 -43.94 -1.55 6.87
N ARG C 170 -43.02 -2.37 7.36
CA ARG C 170 -42.41 -2.20 8.70
C ARG C 170 -41.33 -1.12 8.63
N ILE C 171 -40.90 -0.78 7.42
CA ILE C 171 -39.69 0.12 7.30
C ILE C 171 -40.22 1.56 7.28
N VAL C 172 -39.78 2.37 8.23
CA VAL C 172 -40.27 3.76 8.42
C VAL C 172 -39.12 4.73 8.16
N PRO C 173 -39.16 5.45 7.05
CA PRO C 173 -38.10 6.41 6.78
C PRO C 173 -38.26 7.63 7.69
N LEU C 174 -37.12 8.11 8.17
CA LEU C 174 -37.03 9.23 9.12
C LEU C 174 -36.17 10.32 8.50
N LYS C 175 -36.57 11.58 8.61
CA LYS C 175 -36.00 12.67 7.77
C LYS C 175 -34.69 13.24 8.30
N ASP C 176 -34.51 13.30 9.60
CA ASP C 176 -33.45 14.14 10.22
C ASP C 176 -33.33 13.78 11.70
N GLU C 177 -32.40 14.43 12.39
CA GLU C 177 -32.09 14.15 13.82
C GLU C 177 -33.37 14.21 14.68
N GLU C 178 -34.22 15.22 14.47
CA GLU C 178 -35.46 15.32 15.29
C GLU C 178 -36.30 14.05 15.14
N GLN C 179 -36.45 13.54 13.92
CA GLN C 179 -37.24 12.32 13.68
C GLN C 179 -36.50 11.08 14.19
N TYR C 180 -35.16 10.98 14.10
CA TYR C 180 -34.46 9.80 14.65
C TYR C 180 -34.83 9.73 16.14
N LEU C 181 -34.67 10.85 16.84
CA LEU C 181 -34.91 10.92 18.32
C LEU C 181 -36.38 10.65 18.59
N SER C 182 -37.27 11.31 17.88
CA SER C 182 -38.73 11.22 18.13
C SER C 182 -39.23 9.81 17.89
N ALA C 183 -38.78 9.13 16.83
CA ALA C 183 -39.31 7.79 16.53
C ALA C 183 -38.87 6.83 17.63
N LEU C 184 -37.65 6.99 18.12
CA LEU C 184 -37.12 6.10 19.17
C LEU C 184 -37.85 6.38 20.48
N GLN C 185 -38.13 7.65 20.76
CA GLN C 185 -38.77 8.07 22.05
C GLN C 185 -40.23 7.59 22.05
N ARG C 186 -40.92 7.68 20.91
CA ARG C 186 -42.37 7.32 20.78
C ARG C 186 -42.54 5.80 20.88
N GLY C 187 -41.65 5.05 20.24
CA GLY C 187 -41.72 3.59 20.26
C GLY C 187 -42.77 3.08 19.30
N PRO C 188 -42.82 1.74 19.20
CA PRO C 188 -43.51 1.08 18.08
C PRO C 188 -45.03 1.18 18.17
N ASN C 189 -45.57 1.56 19.33
CA ASN C 189 -47.04 1.55 19.55
C ASN C 189 -47.61 2.96 19.60
N ALA C 190 -46.79 3.99 19.37
CA ALA C 190 -47.28 5.38 19.42
C ALA C 190 -46.64 6.19 18.28
N GLY C 191 -46.66 5.62 17.07
CA GLY C 191 -46.24 6.27 15.80
C GLY C 191 -44.72 6.41 15.67
N GLY C 192 -43.97 5.60 16.40
CA GLY C 192 -42.50 5.52 16.27
C GLY C 192 -42.06 4.12 15.87
N VAL C 193 -40.86 3.75 16.32
CA VAL C 193 -40.16 2.50 15.89
C VAL C 193 -39.62 1.78 17.12
N ALA C 194 -39.41 0.47 16.98
CA ALA C 194 -38.80 -0.35 18.04
C ALA C 194 -37.28 -0.18 18.01
N ALA C 195 -36.73 0.21 16.85
CA ALA C 195 -35.27 0.39 16.71
C ALA C 195 -35.00 1.12 15.40
N ILE C 196 -33.82 1.69 15.34
CA ILE C 196 -33.31 2.26 14.07
C ILE C 196 -32.24 1.28 13.57
N VAL C 197 -32.25 0.99 12.29
CA VAL C 197 -31.12 0.30 11.63
C VAL C 197 -30.41 1.33 10.75
N ASP C 198 -29.13 1.53 11.01
CA ASP C 198 -28.32 2.55 10.28
C ASP C 198 -26.85 2.18 10.35
N GLU C 199 -26.04 2.87 9.56
CA GLU C 199 -24.61 2.58 9.55
C GLU C 199 -23.93 3.20 10.77
N LEU C 200 -22.87 2.53 11.22
CA LEU C 200 -22.21 2.92 12.48
C LEU C 200 -21.64 4.34 12.42
N PRO C 201 -21.03 4.87 11.32
CA PRO C 201 -20.52 6.23 11.35
C PRO C 201 -21.62 7.24 11.71
N TYR C 202 -22.87 7.07 11.25
CA TYR C 202 -23.97 8.00 11.59
C TYR C 202 -24.38 7.76 13.04
N ILE C 203 -24.43 6.51 13.44
CA ILE C 203 -24.88 6.15 14.83
C ILE C 203 -23.85 6.65 15.86
N GLU C 204 -22.56 6.70 15.53
CA GLU C 204 -21.56 7.27 16.47
C GLU C 204 -21.89 8.75 16.73
N VAL C 205 -22.40 9.46 15.75
CA VAL C 205 -22.84 10.87 15.91
C VAL C 205 -24.13 10.89 16.73
N LEU C 206 -25.14 10.10 16.38
CA LEU C 206 -26.41 10.14 17.09
C LEU C 206 -26.18 9.86 18.60
N LEU C 207 -25.37 8.86 18.89
CA LEU C 207 -25.22 8.44 20.32
C LEU C 207 -24.41 9.47 21.10
N THR C 208 -23.78 10.41 20.42
CA THR C 208 -23.00 11.55 20.99
C THR C 208 -23.96 12.68 21.37
N ASN C 209 -25.19 12.69 20.85
CA ASN C 209 -26.12 13.87 20.84
C ASN C 209 -27.53 13.43 21.22
N SER C 210 -27.67 12.44 22.09
CA SER C 210 -28.97 11.87 22.51
C SER C 210 -29.02 11.66 24.03
N ASN C 211 -28.21 12.40 24.77
CA ASN C 211 -28.21 12.37 26.27
C ASN C 211 -28.15 10.93 26.80
N CYS C 212 -27.49 9.98 26.13
CA CYS C 212 -27.22 8.60 26.62
C CYS C 212 -28.49 7.76 26.77
N LYS C 213 -29.59 8.07 26.05
CA LYS C 213 -30.89 7.35 26.16
C LYS C 213 -30.89 6.08 25.29
N PHE C 214 -29.97 5.99 24.32
CA PHE C 214 -29.99 4.97 23.26
C PHE C 214 -28.65 4.24 23.26
N ARG C 215 -28.66 3.04 22.71
CA ARG C 215 -27.42 2.28 22.52
C ARG C 215 -27.56 1.41 21.28
N THR C 216 -26.42 0.92 20.81
CA THR C 216 -26.39 -0.24 19.91
C THR C 216 -26.71 -1.50 20.70
N VAL C 217 -27.44 -2.41 20.10
CA VAL C 217 -27.70 -3.76 20.66
C VAL C 217 -27.28 -4.83 19.64
N GLY C 218 -26.56 -5.87 20.08
CA GLY C 218 -26.13 -6.97 19.23
C GLY C 218 -24.90 -6.56 18.45
N GLN C 219 -24.54 -7.37 17.47
CA GLN C 219 -23.32 -7.25 16.65
C GLN C 219 -23.59 -6.39 15.39
N GLU C 220 -22.56 -5.74 14.91
CA GLU C 220 -22.58 -5.08 13.58
C GLU C 220 -22.72 -6.14 12.50
N PHE C 221 -23.43 -5.81 11.42
CA PHE C 221 -23.64 -6.73 10.27
C PHE C 221 -23.41 -5.98 8.95
N THR C 222 -23.37 -6.75 7.87
CA THR C 222 -23.00 -6.34 6.49
C THR C 222 -21.87 -5.32 6.50
N ARG C 223 -20.76 -5.64 7.17
CA ARG C 223 -19.57 -4.76 7.17
C ARG C 223 -19.10 -4.53 5.73
N THR C 224 -18.71 -3.30 5.49
CA THR C 224 -18.19 -2.81 4.20
C THR C 224 -17.48 -1.49 4.49
N GLY C 225 -17.62 -0.53 3.61
CA GLY C 225 -16.96 0.77 3.75
C GLY C 225 -17.60 1.76 2.82
N TRP C 226 -17.16 3.00 2.92
CA TRP C 226 -17.52 4.07 1.97
C TRP C 226 -16.40 4.25 0.96
N GLY C 227 -16.75 4.50 -0.26
CA GLY C 227 -15.77 4.70 -1.32
C GLY C 227 -16.24 5.69 -2.30
N PHE C 228 -15.33 6.10 -3.17
CA PHE C 228 -15.67 7.04 -4.25
C PHE C 228 -16.05 6.20 -5.47
N ALA C 229 -17.10 6.61 -6.16
CA ALA C 229 -17.65 5.84 -7.29
C ALA C 229 -17.25 6.47 -8.63
N PHE C 230 -16.46 5.76 -9.41
CA PHE C 230 -16.03 6.11 -10.77
C PHE C 230 -16.75 5.24 -11.79
N GLN C 231 -16.69 5.68 -13.05
CA GLN C 231 -17.21 4.83 -14.14
C GLN C 231 -16.35 3.56 -14.27
N ARG C 232 -16.98 2.50 -14.78
CA ARG C 232 -16.28 1.24 -15.06
C ARG C 232 -14.99 1.52 -15.86
N ASP C 233 -13.91 0.88 -15.45
CA ASP C 233 -12.55 0.86 -16.08
C ASP C 233 -11.88 2.26 -15.98
N SER C 234 -12.35 3.15 -15.12
CA SER C 234 -11.66 4.43 -14.85
C SER C 234 -10.25 4.21 -14.35
N PRO C 235 -9.19 4.77 -14.99
CA PRO C 235 -7.85 4.70 -14.39
C PRO C 235 -7.70 5.65 -13.19
N LEU C 236 -8.56 6.66 -13.09
CA LEU C 236 -8.45 7.60 -11.94
C LEU C 236 -8.86 6.87 -10.67
N ALA C 237 -9.77 5.90 -10.75
CA ALA C 237 -10.14 5.07 -9.60
C ALA C 237 -8.93 4.33 -9.04
N VAL C 238 -8.12 3.75 -9.93
CA VAL C 238 -6.92 2.98 -9.51
C VAL C 238 -5.95 3.92 -8.78
N ASP C 239 -5.72 5.09 -9.33
CA ASP C 239 -4.74 6.00 -8.71
C ASP C 239 -5.29 6.55 -7.41
N MET C 240 -6.60 6.82 -7.37
CA MET C 240 -7.22 7.33 -6.13
C MET C 240 -7.21 6.28 -5.02
N SER C 241 -7.37 4.97 -5.33
CA SER C 241 -7.18 3.93 -4.31
C SER C 241 -5.78 4.01 -3.69
N THR C 242 -4.74 4.11 -4.52
CA THR C 242 -3.38 4.21 -3.96
C THR C 242 -3.25 5.48 -3.11
N ALA C 243 -3.86 6.59 -3.53
CA ALA C 243 -3.76 7.85 -2.77
C ALA C 243 -4.43 7.72 -1.41
N ILE C 244 -5.59 7.05 -1.35
CA ILE C 244 -6.30 6.81 -0.07
C ILE C 244 -5.39 6.01 0.88
N LEU C 245 -4.70 5.01 0.36
CA LEU C 245 -3.80 4.14 1.18
C LEU C 245 -2.65 5.02 1.66
N GLN C 246 -2.18 5.95 0.83
CA GLN C 246 -1.10 6.90 1.22
C GLN C 246 -1.62 7.78 2.36
N LEU C 247 -2.82 8.31 2.27
CA LEU C 247 -3.38 9.17 3.31
C LEU C 247 -3.42 8.40 4.63
N SER C 248 -3.81 7.11 4.57
CA SER C 248 -3.89 6.30 5.80
C SER C 248 -2.47 6.16 6.40
N GLU C 249 -1.53 5.75 5.59
CA GLU C 249 -0.13 5.47 6.02
C GLU C 249 0.47 6.74 6.60
N GLU C 250 0.19 7.90 6.00
CA GLU C 250 0.73 9.20 6.49
C GLU C 250 0.06 9.69 7.77
N GLY C 251 -1.09 9.15 8.12
CA GLY C 251 -1.90 9.58 9.25
C GLY C 251 -2.89 10.68 8.87
N GLU C 252 -2.98 11.03 7.59
CA GLU C 252 -3.86 12.15 7.17
C GLU C 252 -5.33 11.73 7.29
N LEU C 253 -5.68 10.47 6.98
CA LEU C 253 -7.10 10.08 7.07
C LEU C 253 -7.65 10.26 8.47
N GLU C 254 -6.90 9.89 9.52
CA GLU C 254 -7.37 10.01 10.91
C GLU C 254 -7.36 11.49 11.30
N LYS C 255 -6.42 12.27 10.81
CA LYS C 255 -6.41 13.72 11.07
C LYS C 255 -7.70 14.34 10.52
N ILE C 256 -8.10 13.96 9.30
CA ILE C 256 -9.29 14.58 8.67
C ILE C 256 -10.54 14.13 9.45
N HIS C 257 -10.55 12.90 9.92
CA HIS C 257 -11.60 12.36 10.81
C HIS C 257 -11.75 13.27 12.02
N ARG C 258 -10.63 13.57 12.69
CA ARG C 258 -10.63 14.37 13.92
C ARG C 258 -11.00 15.83 13.63
N LYS C 259 -10.72 16.35 12.46
CA LYS C 259 -11.12 17.72 12.13
C LYS C 259 -12.65 17.81 12.15
N TRP C 260 -13.36 16.81 11.63
CA TRP C 260 -14.81 16.91 11.37
C TRP C 260 -15.67 16.26 12.47
N LEU C 261 -15.18 15.22 13.15
CA LEU C 261 -16.02 14.30 13.97
C LEU C 261 -15.48 14.20 15.40
N ASN C 262 -14.66 15.15 15.84
CA ASN C 262 -14.23 15.20 17.27
C ASN C 262 -15.48 15.36 18.13
N TYR C 263 -16.12 14.23 18.47
CA TYR C 263 -17.29 14.12 19.37
C TYR C 263 -16.86 13.48 20.69
N LYS C 264 -17.17 14.13 21.81
CA LYS C 264 -16.90 13.64 23.20
C LYS C 264 -18.24 13.67 23.94
N HIS C 265 -18.80 12.50 24.27
CA HIS C 265 -20.09 12.35 25.00
C HIS C 265 -19.85 11.84 26.43
N GLU C 266 -18.89 10.91 26.62
CA GLU C 266 -18.68 10.04 27.82
C GLU C 266 -20.03 9.74 28.50
N CYS C 267 -20.68 8.65 28.08
CA CYS C 267 -22.05 8.23 28.54
C CYS C 267 -21.97 7.06 29.55
N SER C 268 -20.78 6.48 29.78
CA SER C 268 -20.57 5.42 30.80
C SER C 268 -19.11 5.45 31.30
N MET D . 23.34 2.15 -10.50
CA MET D . 22.35 2.65 -9.50
C MET D . 21.26 1.58 -9.30
O MET D . 20.46 1.69 -8.32
CB MET D . 21.64 3.95 -9.97
CG MET D . 22.56 5.05 -10.08
SD MET D . 21.80 6.57 -9.74
CE MET D . 20.26 6.65 -10.62
OXT MET D . 21.27 0.61 -10.11
NA NA E . 27.39 -9.31 -8.80
NA NA F . 26.40 5.07 -27.86
S SO4 G . 42.06 6.09 2.59
O1 SO4 G . 41.57 6.07 3.94
O2 SO4 G . 41.92 4.78 2.01
O3 SO4 G . 43.46 6.45 2.59
O4 SO4 G . 41.31 7.06 1.83
C1 GOL H . 27.10 15.41 -16.63
O1 GOL H . 27.80 14.21 -16.88
C2 GOL H . 26.45 15.28 -15.30
O2 GOL H . 27.37 14.60 -14.51
C3 GOL H . 26.13 16.54 -14.58
O3 GOL H . 25.27 16.30 -13.50
C1 GOL I . 25.49 5.34 15.49
O1 GOL I . 25.77 6.63 16.04
C2 GOL I . 24.05 5.31 15.04
O2 GOL I . 23.63 6.64 14.75
C3 GOL I . 23.82 4.43 13.82
O3 GOL I . 23.26 5.15 12.74
C1 GOL J . 33.14 -9.83 -17.02
O1 GOL J . 32.16 -10.39 -16.14
C2 GOL J . 34.24 -9.10 -16.25
O2 GOL J . 34.94 -8.23 -17.13
C3 GOL J . 33.75 -8.35 -15.03
O3 GOL J . 34.38 -7.07 -14.92
C1 BME K . 32.07 9.62 -27.74
C2 BME K . 31.51 10.87 -27.19
O1 BME K . 31.34 9.33 -28.90
S2 BME K . 32.26 11.27 -25.60
N MET L . -0.24 -8.95 6.96
CA MET L . 1.26 -8.57 6.96
C MET L . 1.62 -7.98 5.61
O MET L . 2.77 -7.41 5.53
CB MET L . 2.16 -9.81 7.12
CG MET L . 1.95 -10.51 8.33
SD MET L . 3.44 -11.02 9.07
CE MET L . 4.24 -12.01 7.85
OXT MET L . 0.78 -8.15 4.70
CL CL M . -4.85 3.51 26.46
S SO4 N . -14.85 -24.83 -8.65
O1 SO4 N . -15.97 -24.00 -8.86
O2 SO4 N . -14.48 -24.84 -7.27
O3 SO4 N . -13.76 -24.31 -9.47
O4 SO4 N . -15.14 -26.19 -9.05
C1 GOL O . 11.48 -10.14 5.62
O1 GOL O . 11.38 -10.38 7.03
C2 GOL O . 11.00 -8.75 5.20
O2 GOL O . 11.53 -7.77 6.09
C3 GOL O . 11.41 -8.32 3.80
O3 GOL O . 10.33 -7.70 3.09
N MET P . -24.25 5.66 2.95
CA MET P . -25.69 5.33 2.60
C MET P . -25.71 4.72 1.21
O MET P . -26.79 4.19 0.84
CB MET P . -26.59 6.57 2.61
CG MET P . -26.83 6.99 4.00
SD MET P . -28.28 7.96 4.27
CE MET P . -28.67 8.64 2.70
OXT MET P . -24.70 4.77 0.51
CL CL Q . -37.47 -1.01 21.61
CL CL R . -20.77 22.67 -20.03
CL CL S . -3.73 22.05 10.60
S SO4 T . -5.30 19.94 -8.83
O1 SO4 T . -5.96 20.03 -7.55
O2 SO4 T . -4.18 19.04 -8.73
O3 SO4 T . -4.84 21.29 -9.14
O4 SO4 T . -6.22 19.49 -9.89
S SO4 U . -30.66 -11.69 18.84
O1 SO4 U . -31.58 -12.80 18.65
O2 SO4 U . -30.59 -11.38 20.25
O3 SO4 U . -29.36 -12.05 18.32
O4 SO4 U . -31.14 -10.53 18.12
S SO4 V . -34.37 4.91 -2.54
O1 SO4 V . -34.97 3.63 -2.28
O2 SO4 V . -34.05 5.54 -1.27
O3 SO4 V . -33.17 4.76 -3.31
O4 SO4 V . -35.30 5.76 -3.26
C1 BME W . -34.46 13.66 -10.31
C2 BME W . -35.59 13.17 -9.56
O1 BME W . -34.93 14.83 -10.92
S2 BME W . -35.28 12.21 -8.06
#